data_8K9S
#
_entry.id   8K9S
#
_cell.length_a   71.460
_cell.length_b   95.890
_cell.length_c   167.500
_cell.angle_alpha   90.00
_cell.angle_beta   90.00
_cell.angle_gamma   90.00
#
_symmetry.space_group_name_H-M   'P 21 21 21'
#
loop_
_entity.id
_entity.type
_entity.pdbx_description
1 polymer 'Lysine--tRNA ligase'
2 non-polymer LYSINE
3 non-polymer 'methyl 4-methoxy-3-[[4-[(2-propan-2-ylsulfonylphenyl)amino]-1,3,5-triazin-2-yl]amino]benzoate'
4 non-polymer '2-(N-MORPHOLINO)-ETHANESULFONIC ACID'
5 water water
#
_entity_poly.entity_id   1
_entity_poly.type   'polypeptide(L)'
_entity_poly.pdbx_seq_one_letter_code
;MEVDPRLYFENRSKFIQDQKDKGINPYPHKFERTISIPEFIEKYKDLGNGEHLEDTILNITGRIMRVSASGQKLRFFDLV
GDGEKIQVLANYSFHNHEKGNFAECYDKIRRGDIVGIVGFPGKSKKGELSIFPKETILLSACLHMLPMKYGLKDTEIRYR
QRYLDLLINESSRHTFVTRTKIINFLRNFLNERGFFEVETPMMNLIAGGANARPFITHHNDLDLDLYLRIATELPLKMLI
VGGIDKVYEIGKVFRNEGIDNTHNPEFTSCEFYWAYADYNDLIKWSEDFFSQLVYHLFGTYKISYNKDGPENQPIEIDFT
PPYPKVSIVEEIEKVTNTILEQPFDSNETIEKMINIIKEHKIELPNPPTAAKLLDQLASHFIENKYNDKPFFIVEHPQIM
SPLAKYHRTKPGLTERLEMFICGKEVLNAYTELNDPFKQKECFKLQQKDREKGDTEAAQLDSAFCTSLEYGLPPTGGLGL
GIDRITMFLTNKNSIKDVILFPTMRPANGGHHHHHH
;
_entity_poly.pdbx_strand_id   A,B
#
# COMPACT_ATOMS: atom_id res chain seq x y z
N VAL A 3 26.26 2.32 -35.88
CA VAL A 3 24.89 2.45 -36.34
C VAL A 3 24.12 1.16 -36.07
N ASP A 4 24.85 0.05 -35.99
CA ASP A 4 24.24 -1.24 -35.70
C ASP A 4 24.24 -1.45 -34.20
N PRO A 5 23.06 -1.47 -33.55
CA PRO A 5 23.06 -1.69 -32.09
C PRO A 5 23.65 -3.03 -31.69
N ARG A 6 23.50 -4.05 -32.52
CA ARG A 6 24.15 -5.33 -32.25
C ARG A 6 25.67 -5.18 -32.24
N LEU A 7 26.21 -4.44 -33.21
CA LEU A 7 27.66 -4.23 -33.27
C LEU A 7 28.14 -3.39 -32.08
N TYR A 8 27.35 -2.40 -31.68
CA TYR A 8 27.70 -1.60 -30.51
C TYR A 8 27.75 -2.45 -29.25
N PHE A 9 26.81 -3.40 -29.11
CA PHE A 9 26.77 -4.23 -27.91
C PHE A 9 27.95 -5.19 -27.85
N GLU A 10 28.28 -5.84 -28.97
CA GLU A 10 29.41 -6.76 -28.97
C GLU A 10 30.72 -6.04 -28.73
N ASN A 11 30.87 -4.84 -29.31
CA ASN A 11 32.08 -4.06 -29.05
C ASN A 11 32.19 -3.68 -27.58
N ARG A 12 31.08 -3.25 -26.98
CA ARG A 12 31.11 -2.90 -25.56
C ARG A 12 31.35 -4.12 -24.68
N SER A 13 30.82 -5.28 -25.08
CA SER A 13 31.08 -6.51 -24.34
C SER A 13 32.55 -6.88 -24.40
N LYS A 14 33.18 -6.73 -25.57
CA LYS A 14 34.61 -6.96 -25.68
C LYS A 14 35.39 -5.94 -24.88
N PHE A 15 34.91 -4.69 -24.84
CA PHE A 15 35.56 -3.66 -24.04
C PHE A 15 35.56 -4.04 -22.56
N ILE A 16 34.43 -4.55 -22.07
CA ILE A 16 34.33 -4.94 -20.67
C ILE A 16 35.34 -6.03 -20.35
N GLN A 17 35.39 -7.07 -21.18
CA GLN A 17 36.36 -8.14 -20.97
C GLN A 17 37.79 -7.66 -21.16
N ASP A 18 38.01 -6.72 -22.07
CA ASP A 18 39.33 -6.15 -22.24
C ASP A 18 39.79 -5.44 -20.97
N GLN A 19 38.86 -4.72 -20.31
CA GLN A 19 39.21 -4.02 -19.08
C GLN A 19 39.63 -4.99 -17.98
N LYS A 20 38.85 -6.05 -17.76
CA LYS A 20 39.10 -6.90 -16.60
C LYS A 20 40.27 -7.85 -16.80
N ASP A 21 40.70 -8.11 -18.03
CA ASP A 21 41.97 -8.79 -18.23
C ASP A 21 43.12 -7.79 -18.44
N LYS A 22 42.88 -6.52 -18.12
CA LYS A 22 43.94 -5.54 -17.91
C LYS A 22 44.07 -5.16 -16.43
N GLY A 23 43.42 -5.89 -15.54
CA GLY A 23 43.50 -5.64 -14.12
C GLY A 23 42.44 -4.68 -13.58
N ILE A 24 41.71 -3.99 -14.45
CA ILE A 24 40.75 -2.98 -14.03
C ILE A 24 39.37 -3.62 -13.97
N ASN A 25 38.74 -3.55 -12.80
CA ASN A 25 37.38 -4.06 -12.62
C ASN A 25 36.38 -3.00 -13.08
N PRO A 26 35.70 -3.22 -14.21
CA PRO A 26 34.74 -2.22 -14.70
C PRO A 26 33.48 -2.13 -13.86
N TYR A 27 33.24 -3.07 -12.94
CA TYR A 27 32.12 -3.03 -12.02
C TYR A 27 32.68 -3.10 -10.60
N PRO A 28 33.25 -2.00 -10.11
CA PRO A 28 33.90 -2.04 -8.79
C PRO A 28 32.89 -2.26 -7.68
N HIS A 29 33.41 -2.70 -6.53
CA HIS A 29 32.56 -3.10 -5.41
C HIS A 29 31.79 -1.93 -4.83
N LYS A 30 32.51 -0.92 -4.33
CA LYS A 30 31.89 0.20 -3.65
C LYS A 30 32.56 1.50 -4.10
N PHE A 31 31.80 2.58 -4.04
CA PHE A 31 32.32 3.92 -4.25
C PHE A 31 31.81 4.80 -3.12
N GLU A 32 32.72 5.44 -2.40
CA GLU A 32 32.35 6.24 -1.21
C GLU A 32 31.85 7.61 -1.66
N ARG A 33 30.62 7.62 -2.18
CA ARG A 33 30.01 8.89 -2.55
C ARG A 33 29.81 9.76 -1.32
N THR A 34 30.05 11.06 -1.50
CA THR A 34 29.98 12.03 -0.42
C THR A 34 28.86 13.05 -0.61
N ILE A 35 28.45 13.30 -1.85
CA ILE A 35 27.38 14.25 -2.14
C ILE A 35 26.60 13.76 -3.34
N SER A 36 25.30 14.06 -3.35
CA SER A 36 24.44 13.75 -4.48
C SER A 36 24.34 14.96 -5.41
N ILE A 37 23.92 14.69 -6.64
CA ILE A 37 23.79 15.77 -7.64
C ILE A 37 22.79 16.84 -7.19
N PRO A 38 21.59 16.50 -6.71
CA PRO A 38 20.71 17.57 -6.19
C PRO A 38 21.30 18.35 -5.04
N GLU A 39 21.99 17.69 -4.11
CA GLU A 39 22.68 18.42 -3.04
C GLU A 39 23.79 19.27 -3.61
N PHE A 40 24.48 18.76 -4.64
CA PHE A 40 25.57 19.51 -5.27
C PHE A 40 25.05 20.78 -5.93
N ILE A 41 23.93 20.70 -6.64
CA ILE A 41 23.34 21.89 -7.26
C ILE A 41 22.87 22.86 -6.18
N GLU A 42 22.27 22.33 -5.10
CA GLU A 42 21.77 23.19 -4.03
C GLU A 42 22.90 23.92 -3.33
N LYS A 43 24.08 23.30 -3.19
CA LYS A 43 25.17 23.91 -2.45
C LYS A 43 25.98 24.90 -3.28
N TYR A 44 26.03 24.72 -4.60
CA TYR A 44 26.97 25.48 -5.42
C TYR A 44 26.31 26.27 -6.54
N LYS A 45 24.98 26.43 -6.53
CA LYS A 45 24.33 27.21 -7.55
C LYS A 45 24.73 28.69 -7.51
N ASP A 46 25.34 29.12 -6.41
CA ASP A 46 25.61 30.54 -6.17
C ASP A 46 26.99 30.99 -6.63
N LEU A 47 27.84 30.09 -7.10
CA LEU A 47 29.17 30.49 -7.52
C LEU A 47 29.11 31.37 -8.77
N GLY A 48 30.08 32.28 -8.90
CA GLY A 48 30.19 33.09 -10.09
C GLY A 48 30.76 32.30 -11.26
N ASN A 49 30.61 32.88 -12.44
CA ASN A 49 31.15 32.25 -13.64
C ASN A 49 32.67 32.14 -13.54
N GLY A 50 33.18 30.94 -13.82
CA GLY A 50 34.60 30.70 -13.74
C GLY A 50 35.16 30.49 -12.35
N GLU A 51 34.31 30.57 -11.32
CA GLU A 51 34.78 30.40 -9.95
C GLU A 51 34.99 28.93 -9.64
N HIS A 52 36.21 28.58 -9.28
CA HIS A 52 36.56 27.23 -8.86
C HIS A 52 36.73 27.18 -7.35
N LEU A 53 36.30 26.08 -6.74
CA LEU A 53 36.59 25.80 -5.34
C LEU A 53 37.56 24.61 -5.33
N GLU A 54 38.84 24.91 -5.51
CA GLU A 54 39.82 23.87 -5.78
C GLU A 54 40.18 23.06 -4.54
N ASP A 55 39.98 23.62 -3.35
CA ASP A 55 40.34 22.93 -2.11
C ASP A 55 39.20 22.06 -1.58
N THR A 56 38.05 22.06 -2.24
CA THR A 56 36.90 21.25 -1.83
C THR A 56 36.87 19.99 -2.69
N ILE A 57 37.14 18.84 -2.09
CA ILE A 57 37.20 17.58 -2.81
C ILE A 57 35.92 16.80 -2.53
N LEU A 58 35.22 16.41 -3.59
CA LEU A 58 33.93 15.75 -3.49
C LEU A 58 33.98 14.43 -4.24
N ASN A 59 33.27 13.43 -3.71
CA ASN A 59 33.01 12.18 -4.42
C ASN A 59 31.56 12.21 -4.87
N ILE A 60 31.34 12.15 -6.18
CA ILE A 60 30.01 12.32 -6.77
C ILE A 60 29.82 11.27 -7.86
N THR A 61 28.60 10.74 -7.95
CA THR A 61 28.26 9.72 -8.93
C THR A 61 27.11 10.19 -9.80
N GLY A 62 27.02 9.59 -10.99
CA GLY A 62 25.92 9.88 -11.89
C GLY A 62 26.08 9.06 -13.16
N ARG A 63 25.14 9.27 -14.07
CA ARG A 63 25.16 8.61 -15.37
C ARG A 63 25.54 9.63 -16.43
N ILE A 64 26.56 9.30 -17.23
CA ILE A 64 26.98 10.15 -18.34
C ILE A 64 25.91 10.10 -19.42
N MET A 65 25.41 11.27 -19.81
CA MET A 65 24.38 11.34 -20.84
C MET A 65 24.81 12.09 -22.09
N ARG A 66 25.94 12.77 -22.06
CA ARG A 66 26.46 13.49 -23.23
C ARG A 66 27.98 13.46 -23.17
N VAL A 67 28.60 13.25 -24.33
CA VAL A 67 30.05 13.22 -24.45
C VAL A 67 30.49 14.18 -25.55
N SER A 68 31.45 15.04 -25.26
CA SER A 68 32.06 15.90 -26.25
C SER A 68 33.47 16.24 -25.77
N ALA A 69 34.21 16.96 -26.60
CA ALA A 69 35.59 17.31 -26.28
C ALA A 69 36.00 18.54 -27.06
N SER A 70 37.08 19.17 -26.60
CA SER A 70 37.77 20.23 -27.33
C SER A 70 39.25 19.84 -27.33
N GLY A 71 39.62 19.00 -28.30
CA GLY A 71 40.94 18.40 -28.31
C GLY A 71 41.02 17.21 -27.37
N GLN A 72 42.16 16.52 -27.43
CA GLN A 72 42.36 15.33 -26.61
C GLN A 72 42.63 15.65 -25.15
N LYS A 73 42.83 16.92 -24.79
CA LYS A 73 43.20 17.31 -23.44
C LYS A 73 42.05 17.97 -22.67
N LEU A 74 40.85 18.01 -23.24
CA LEU A 74 39.71 18.67 -22.59
C LEU A 74 38.43 17.96 -22.98
N ARG A 75 37.77 17.35 -22.00
CA ARG A 75 36.56 16.58 -22.23
C ARG A 75 35.39 17.16 -21.44
N PHE A 76 34.22 17.16 -22.05
CA PHE A 76 33.00 17.70 -21.45
C PHE A 76 31.93 16.62 -21.43
N PHE A 77 31.22 16.52 -20.31
CA PHE A 77 30.16 15.53 -20.15
C PHE A 77 28.97 16.14 -19.42
N ASP A 78 27.79 15.60 -19.72
CA ASP A 78 26.62 15.79 -18.88
C ASP A 78 26.52 14.63 -17.88
N LEU A 79 26.19 14.96 -16.64
CA LEU A 79 26.03 13.95 -15.60
C LEU A 79 24.68 14.15 -14.93
N VAL A 80 23.88 13.09 -14.88
CA VAL A 80 22.53 13.16 -14.34
C VAL A 80 22.38 12.18 -13.20
N GLY A 81 21.58 12.57 -12.21
CA GLY A 81 21.27 11.73 -11.07
C GLY A 81 20.11 12.31 -10.29
N ASP A 82 19.14 11.47 -9.93
CA ASP A 82 17.94 11.91 -9.20
C ASP A 82 17.19 13.01 -9.94
N GLY A 83 17.19 12.93 -11.28
CA GLY A 83 16.45 13.86 -12.10
C GLY A 83 17.11 15.20 -12.35
N GLU A 84 18.33 15.40 -11.86
CA GLU A 84 19.02 16.67 -11.98
C GLU A 84 20.34 16.47 -12.74
N LYS A 85 20.89 17.57 -13.25
CA LYS A 85 21.98 17.49 -14.21
C LYS A 85 23.05 18.53 -13.92
N ILE A 86 24.31 18.10 -13.94
CA ILE A 86 25.46 18.99 -13.91
C ILE A 86 26.37 18.63 -15.09
N GLN A 87 27.33 19.52 -15.35
CA GLN A 87 28.36 19.27 -16.35
C GLN A 87 29.59 18.67 -15.69
N VAL A 88 30.30 17.84 -16.45
CA VAL A 88 31.60 17.32 -16.05
C VAL A 88 32.64 17.95 -16.96
N LEU A 89 33.60 18.65 -16.35
CA LEU A 89 34.68 19.34 -17.07
C LEU A 89 35.99 18.71 -16.64
N ALA A 90 36.55 17.86 -17.48
CA ALA A 90 37.81 17.17 -17.21
C ALA A 90 38.92 17.94 -17.91
N ASN A 91 39.78 18.57 -17.12
CA ASN A 91 40.91 19.33 -17.62
C ASN A 91 42.19 18.54 -17.36
N TYR A 92 43.02 18.42 -18.40
CA TYR A 92 44.25 17.61 -18.31
C TYR A 92 45.11 18.02 -17.13
N SER A 93 45.15 19.31 -16.82
CA SER A 93 46.02 19.82 -15.76
C SER A 93 45.49 19.55 -14.36
N PHE A 94 44.22 19.20 -14.21
CA PHE A 94 43.66 18.85 -12.91
C PHE A 94 43.61 17.35 -12.68
N HIS A 95 43.94 16.56 -13.69
CA HIS A 95 43.88 15.10 -13.59
C HIS A 95 44.96 14.58 -12.65
N ASN A 96 44.61 13.56 -11.87
CA ASN A 96 45.58 12.87 -11.01
C ASN A 96 46.33 11.88 -11.90
N HIS A 97 47.50 12.33 -12.40
CA HIS A 97 48.22 11.57 -13.40
C HIS A 97 48.86 10.31 -12.84
N GLU A 98 48.98 10.19 -11.51
CA GLU A 98 49.49 8.95 -10.93
C GLU A 98 48.54 7.79 -11.16
N LYS A 99 47.24 8.05 -11.23
CA LYS A 99 46.24 7.00 -11.37
C LYS A 99 46.12 6.47 -12.80
N GLY A 100 46.66 7.17 -13.79
CA GLY A 100 46.62 6.66 -15.14
C GLY A 100 46.69 7.78 -16.16
N ASN A 101 46.88 7.37 -17.42
CA ASN A 101 46.94 8.32 -18.53
C ASN A 101 45.60 9.03 -18.70
N PHE A 102 45.66 10.36 -18.80
CA PHE A 102 44.43 11.14 -18.85
C PHE A 102 43.58 10.78 -20.07
N ALA A 103 44.20 10.76 -21.25
CA ALA A 103 43.45 10.46 -22.47
C ALA A 103 42.91 9.04 -22.44
N GLU A 104 43.66 8.10 -21.87
CA GLU A 104 43.19 6.73 -21.77
C GLU A 104 41.96 6.61 -20.88
N CYS A 105 41.93 7.37 -19.78
CA CYS A 105 40.81 7.29 -18.85
C CYS A 105 39.51 7.74 -19.50
N TYR A 106 39.53 8.83 -20.27
CA TYR A 106 38.32 9.47 -20.73
C TYR A 106 37.87 9.05 -22.13
N ASP A 107 38.74 8.41 -22.90
CA ASP A 107 38.31 7.88 -24.19
C ASP A 107 37.32 6.73 -24.03
N LYS A 108 37.38 6.01 -22.91
CA LYS A 108 36.49 4.86 -22.71
C LYS A 108 35.05 5.28 -22.42
N ILE A 109 34.86 6.46 -21.83
CA ILE A 109 33.53 6.85 -21.38
C ILE A 109 32.57 6.92 -22.57
N ARG A 110 31.43 6.26 -22.45
CA ARG A 110 30.37 6.31 -23.44
C ARG A 110 29.11 6.88 -22.80
N ARG A 111 28.20 7.35 -23.65
CA ARG A 111 26.91 7.82 -23.18
C ARG A 111 26.18 6.69 -22.46
N GLY A 112 25.63 6.99 -21.29
CA GLY A 112 24.96 6.01 -20.46
C GLY A 112 25.83 5.41 -19.37
N ASP A 113 27.14 5.66 -19.39
CA ASP A 113 28.03 5.09 -18.39
C ASP A 113 27.78 5.71 -17.03
N ILE A 114 27.75 4.86 -16.00
CA ILE A 114 27.64 5.32 -14.62
C ILE A 114 29.07 5.43 -14.06
N VAL A 115 29.41 6.61 -13.56
CA VAL A 115 30.78 6.88 -13.13
C VAL A 115 30.79 7.43 -11.72
N GLY A 116 31.92 7.25 -11.04
CA GLY A 116 32.20 7.91 -9.77
C GLY A 116 33.37 8.86 -9.96
N ILE A 117 33.19 10.09 -9.49
CA ILE A 117 34.10 11.19 -9.78
C ILE A 117 34.64 11.74 -8.47
N VAL A 118 35.96 11.90 -8.41
CA VAL A 118 36.62 12.64 -7.33
C VAL A 118 37.09 13.95 -7.94
N GLY A 119 36.60 15.07 -7.41
CA GLY A 119 36.96 16.35 -7.98
C GLY A 119 36.45 17.50 -7.15
N PHE A 120 36.56 18.70 -7.73
CA PHE A 120 36.16 19.91 -7.06
C PHE A 120 35.04 20.62 -7.83
N PRO A 121 34.15 21.33 -7.13
CA PRO A 121 33.06 22.02 -7.81
C PRO A 121 33.48 23.39 -8.35
N GLY A 122 32.74 23.83 -9.36
CA GLY A 122 32.96 25.15 -9.89
C GLY A 122 31.97 25.43 -11.02
N LYS A 123 32.06 26.65 -11.53
CA LYS A 123 31.36 27.06 -12.73
C LYS A 123 32.36 27.34 -13.83
N SER A 124 31.98 27.03 -15.07
CA SER A 124 32.83 27.35 -16.21
C SER A 124 32.70 28.83 -16.54
N LYS A 125 33.50 29.28 -17.52
CA LYS A 125 33.35 30.64 -18.01
C LYS A 125 31.99 30.86 -18.67
N LYS A 126 31.34 29.79 -19.12
CA LYS A 126 30.02 29.86 -19.72
C LYS A 126 28.90 29.77 -18.69
N GLY A 127 29.23 29.73 -17.40
CA GLY A 127 28.24 29.77 -16.35
C GLY A 127 27.62 28.45 -15.97
N GLU A 128 28.00 27.36 -16.61
CA GLU A 128 27.41 26.05 -16.30
C GLU A 128 28.08 25.45 -15.09
N LEU A 129 27.28 25.02 -14.11
CA LEU A 129 27.81 24.40 -12.91
C LEU A 129 28.43 23.05 -13.24
N SER A 130 29.67 22.84 -12.77
CA SER A 130 30.43 21.69 -13.19
C SER A 130 31.14 21.05 -12.01
N ILE A 131 31.38 19.74 -12.14
CA ILE A 131 32.34 19.03 -11.30
C ILE A 131 33.63 18.90 -12.09
N PHE A 132 34.75 19.26 -11.47
CA PHE A 132 36.04 19.19 -12.14
C PHE A 132 36.79 17.99 -11.61
N PRO A 133 36.77 16.85 -12.29
CA PRO A 133 37.40 15.65 -11.74
C PRO A 133 38.92 15.74 -11.68
N LYS A 134 39.47 15.10 -10.66
CA LYS A 134 40.86 14.68 -10.65
C LYS A 134 40.98 13.21 -11.03
N GLU A 135 39.86 12.49 -11.05
CA GLU A 135 39.80 11.06 -11.32
C GLU A 135 38.34 10.66 -11.51
N THR A 136 38.04 9.96 -12.61
CA THR A 136 36.73 9.36 -12.80
C THR A 136 36.86 7.87 -12.99
N ILE A 137 35.98 7.13 -12.34
CA ILE A 137 36.03 5.67 -12.30
C ILE A 137 34.72 5.15 -12.88
N LEU A 138 34.82 4.25 -13.85
CA LEU A 138 33.63 3.58 -14.36
C LEU A 138 33.05 2.69 -13.27
N LEU A 139 31.76 2.85 -12.99
CA LEU A 139 31.08 2.04 -11.99
C LEU A 139 30.15 1.00 -12.60
N SER A 140 29.49 1.32 -13.71
CA SER A 140 28.67 0.36 -14.42
C SER A 140 28.50 0.85 -15.84
N ALA A 141 28.96 0.08 -16.81
CA ALA A 141 28.88 0.49 -18.20
C ALA A 141 27.47 0.29 -18.75
N CYS A 142 27.11 1.14 -19.70
CA CYS A 142 25.87 0.97 -20.48
C CYS A 142 26.28 0.33 -21.80
N LEU A 143 25.99 -0.96 -21.93
CA LEU A 143 26.47 -1.71 -23.08
C LEU A 143 25.70 -1.39 -24.36
N HIS A 144 24.51 -0.82 -24.25
CA HIS A 144 23.66 -0.55 -25.40
C HIS A 144 23.70 0.93 -25.77
N MET A 145 23.41 1.22 -27.04
CA MET A 145 23.18 2.59 -27.46
C MET A 145 21.88 3.07 -26.85
N LEU A 146 21.96 3.98 -25.90
CA LEU A 146 20.74 4.56 -25.35
C LEU A 146 20.01 5.32 -26.45
N PRO A 147 18.67 5.17 -26.55
CA PRO A 147 17.91 5.98 -27.51
C PRO A 147 18.38 7.42 -27.49
N MET A 148 18.46 8.04 -28.67
CA MET A 148 19.29 9.22 -28.88
C MET A 148 18.65 10.49 -28.36
N LYS A 149 17.72 10.34 -27.41
CA LYS A 149 16.90 11.40 -26.85
C LYS A 149 15.84 11.78 -27.86
N TYR A 150 14.61 12.03 -27.37
CA TYR A 150 13.45 12.24 -28.24
C TYR A 150 13.29 11.10 -29.25
N GLY A 151 13.78 9.92 -28.89
CA GLY A 151 13.72 8.76 -29.76
C GLY A 151 12.79 7.70 -29.24
N LEU A 152 12.61 7.65 -27.93
CA LEU A 152 11.60 6.82 -27.29
C LEU A 152 10.22 7.46 -27.34
N LYS A 153 10.09 8.59 -28.03
CA LYS A 153 8.90 9.43 -27.96
C LYS A 153 7.60 8.65 -27.89
N ASP A 154 7.45 7.63 -28.72
CA ASP A 154 6.26 6.78 -28.70
C ASP A 154 6.63 5.39 -29.16
N THR A 155 6.44 4.40 -28.30
CA THR A 155 6.65 2.98 -28.61
C THR A 155 6.30 2.18 -27.36
N GLU A 156 6.24 0.86 -27.52
CA GLU A 156 6.01 -0.03 -26.39
C GLU A 156 7.27 -0.25 -25.55
N ILE A 157 8.43 0.22 -26.00
CA ILE A 157 9.64 0.14 -25.18
C ILE A 157 9.46 0.94 -23.90
N ARG A 158 8.68 2.03 -23.96
CA ARG A 158 8.45 2.85 -22.76
C ARG A 158 7.71 2.07 -21.69
N TYR A 159 6.79 1.21 -22.08
CA TYR A 159 5.98 0.47 -21.11
C TYR A 159 6.64 -0.82 -20.65
N ARG A 160 7.49 -1.42 -21.49
CA ARG A 160 8.18 -2.64 -21.10
C ARG A 160 9.52 -2.31 -20.42
N GLN A 161 10.40 -1.61 -21.12
CA GLN A 161 11.66 -1.15 -20.54
C GLN A 161 11.48 0.28 -20.01
N ARG A 162 10.74 0.36 -18.91
CA ARG A 162 10.37 1.66 -18.34
C ARG A 162 11.59 2.44 -17.88
N TYR A 163 12.68 1.74 -17.53
CA TYR A 163 13.90 2.43 -17.14
C TYR A 163 14.45 3.29 -18.27
N LEU A 164 14.35 2.80 -19.51
CA LEU A 164 14.71 3.62 -20.66
C LEU A 164 13.85 4.88 -20.73
N ASP A 165 12.55 4.72 -20.47
CA ASP A 165 11.63 5.86 -20.51
C ASP A 165 12.01 6.90 -19.46
N LEU A 166 12.33 6.45 -18.24
CA LEU A 166 12.72 7.38 -17.20
C LEU A 166 14.06 8.04 -17.47
N LEU A 167 14.98 7.33 -18.14
CA LEU A 167 16.28 7.91 -18.46
C LEU A 167 16.16 8.97 -19.54
N ILE A 168 15.42 8.69 -20.60
CA ILE A 168 15.42 9.52 -21.80
C ILE A 168 14.40 10.65 -21.71
N ASN A 169 13.15 10.33 -21.38
CA ASN A 169 12.07 11.30 -21.40
C ASN A 169 11.94 11.95 -20.03
N GLU A 170 12.24 13.25 -19.96
CA GLU A 170 12.23 13.94 -18.68
C GLU A 170 10.83 14.04 -18.10
N SER A 171 9.80 14.05 -18.95
CA SER A 171 8.43 14.22 -18.47
C SER A 171 7.98 13.02 -17.64
N SER A 172 8.42 11.81 -18.01
CA SER A 172 7.91 10.61 -17.36
C SER A 172 8.25 10.59 -15.87
N ARG A 173 9.48 10.95 -15.51
CA ARG A 173 9.87 10.99 -14.11
C ARG A 173 8.96 11.95 -13.32
N HIS A 174 8.70 13.13 -13.89
CA HIS A 174 7.83 14.10 -13.22
C HIS A 174 6.42 13.53 -13.03
N THR A 175 5.94 12.77 -14.01
CA THR A 175 4.61 12.16 -13.91
C THR A 175 4.52 11.22 -12.72
N PHE A 176 5.49 10.32 -12.59
CA PHE A 176 5.44 9.33 -11.50
C PHE A 176 5.77 9.98 -10.16
N VAL A 177 6.55 11.06 -10.16
CA VAL A 177 6.72 11.82 -8.94
C VAL A 177 5.40 12.46 -8.52
N THR A 178 4.65 12.99 -9.49
CA THR A 178 3.33 13.54 -9.19
C THR A 178 2.40 12.46 -8.64
N ARG A 179 2.45 11.25 -9.22
CA ARG A 179 1.59 10.18 -8.75
C ARG A 179 1.82 9.88 -7.27
N THR A 180 3.08 9.82 -6.85
CA THR A 180 3.37 9.56 -5.44
C THR A 180 2.95 10.74 -4.57
N LYS A 181 3.05 11.96 -5.08
CA LYS A 181 2.56 13.12 -4.33
C LYS A 181 1.05 13.07 -4.14
N ILE A 182 0.32 12.53 -5.12
CA ILE A 182 -1.13 12.35 -4.97
C ILE A 182 -1.42 11.45 -3.79
N ILE A 183 -0.77 10.28 -3.75
CA ILE A 183 -1.07 9.29 -2.74
C ILE A 183 -0.62 9.78 -1.36
N ASN A 184 0.53 10.47 -1.31
CA ASN A 184 0.96 11.07 -0.05
C ASN A 184 -0.05 12.10 0.43
N PHE A 185 -0.54 12.95 -0.48
CA PHE A 185 -1.55 13.94 -0.10
C PHE A 185 -2.81 13.25 0.41
N LEU A 186 -3.26 12.19 -0.28
CA LEU A 186 -4.46 11.48 0.12
C LEU A 186 -4.28 10.77 1.46
N ARG A 187 -3.13 10.12 1.67
CA ARG A 187 -2.88 9.48 2.96
C ARG A 187 -2.82 10.52 4.07
N ASN A 188 -2.12 11.64 3.85
CA ASN A 188 -2.05 12.69 4.86
C ASN A 188 -3.42 13.31 5.11
N PHE A 189 -4.19 13.52 4.05
CA PHE A 189 -5.52 14.12 4.18
C PHE A 189 -6.41 13.27 5.08
N LEU A 190 -6.42 11.96 4.87
CA LEU A 190 -7.26 11.07 5.66
C LEU A 190 -6.72 10.92 7.08
N ASN A 191 -5.39 10.79 7.23
CA ASN A 191 -4.80 10.62 8.55
C ASN A 191 -5.01 11.85 9.41
N GLU A 192 -4.98 13.04 8.81
CA GLU A 192 -5.24 14.27 9.56
C GLU A 192 -6.63 14.31 10.13
N ARG A 193 -7.57 13.52 9.59
CA ARG A 193 -8.95 13.51 10.03
C ARG A 193 -9.30 12.26 10.84
N GLY A 194 -8.29 11.61 11.42
CA GLY A 194 -8.49 10.51 12.34
C GLY A 194 -8.63 9.14 11.71
N PHE A 195 -8.60 9.04 10.39
CA PHE A 195 -8.81 7.76 9.73
C PHE A 195 -7.64 6.81 10.00
N PHE A 196 -7.95 5.51 9.98
CA PHE A 196 -7.02 4.46 10.36
C PHE A 196 -6.80 3.54 9.16
N GLU A 197 -5.55 3.44 8.71
CA GLU A 197 -5.22 2.64 7.54
C GLU A 197 -5.01 1.19 7.91
N VAL A 198 -5.54 0.28 7.07
CA VAL A 198 -5.53 -1.14 7.32
C VAL A 198 -5.20 -1.87 6.02
N GLU A 199 -5.00 -3.18 6.14
CA GLU A 199 -4.93 -4.07 4.99
C GLU A 199 -5.93 -5.20 5.19
N THR A 200 -6.71 -5.46 4.14
CA THR A 200 -7.66 -6.55 4.08
C THR A 200 -7.20 -7.52 2.99
N PRO A 201 -7.66 -8.78 3.02
CA PRO A 201 -7.07 -9.79 2.14
C PRO A 201 -7.18 -9.44 0.67
N MET A 202 -6.11 -9.74 -0.07
CA MET A 202 -6.15 -9.68 -1.52
C MET A 202 -6.98 -10.82 -2.10
N MET A 203 -7.21 -11.87 -1.32
CA MET A 203 -7.83 -13.10 -1.78
C MET A 203 -9.00 -13.45 -0.87
N ASN A 204 -10.14 -13.77 -1.47
CA ASN A 204 -11.32 -14.12 -0.70
C ASN A 204 -12.13 -15.15 -1.48
N LEU A 205 -12.99 -15.88 -0.76
CA LEU A 205 -13.83 -16.90 -1.39
C LEU A 205 -14.92 -16.28 -2.26
N ILE A 206 -15.25 -15.01 -2.04
CA ILE A 206 -16.15 -14.26 -2.91
C ILE A 206 -15.48 -12.94 -3.27
N ALA A 207 -15.98 -12.32 -4.33
CA ALA A 207 -15.49 -11.01 -4.78
C ALA A 207 -16.69 -10.07 -4.84
N GLY A 208 -17.02 -9.47 -3.69
CA GLY A 208 -18.11 -8.51 -3.60
C GLY A 208 -17.62 -7.08 -3.57
N GLY A 209 -18.55 -6.18 -3.25
CA GLY A 209 -18.24 -4.77 -3.14
C GLY A 209 -18.21 -4.00 -4.44
N ALA A 210 -18.53 -4.64 -5.55
CA ALA A 210 -18.59 -3.98 -6.85
C ALA A 210 -19.25 -4.96 -7.83
N ASN A 211 -19.41 -4.50 -9.07
CA ASN A 211 -19.98 -5.31 -10.14
C ASN A 211 -18.91 -5.43 -11.23
N ALA A 212 -18.12 -6.51 -11.17
CA ALA A 212 -17.06 -6.72 -12.14
C ALA A 212 -16.70 -8.20 -12.15
N ARG A 213 -16.20 -8.66 -13.29
CA ARG A 213 -15.74 -10.04 -13.40
C ARG A 213 -14.42 -10.19 -12.64
N PRO A 214 -14.28 -11.20 -11.79
CA PRO A 214 -13.07 -11.35 -10.98
C PRO A 214 -12.03 -12.25 -11.63
N PHE A 215 -10.84 -12.24 -11.03
CA PHE A 215 -9.80 -13.21 -11.32
C PHE A 215 -9.91 -14.39 -10.36
N ILE A 216 -9.59 -15.59 -10.87
CA ILE A 216 -9.64 -16.81 -10.08
C ILE A 216 -8.24 -17.38 -9.97
N THR A 217 -7.86 -17.78 -8.77
CA THR A 217 -6.58 -18.43 -8.53
C THR A 217 -6.80 -19.58 -7.55
N HIS A 218 -5.87 -20.53 -7.57
CA HIS A 218 -5.97 -21.73 -6.73
C HIS A 218 -5.03 -21.61 -5.54
N HIS A 219 -5.54 -21.95 -4.36
CA HIS A 219 -4.77 -21.97 -3.13
C HIS A 219 -4.32 -23.40 -2.84
N ASN A 220 -3.00 -23.63 -2.84
CA ASN A 220 -2.49 -24.99 -2.69
C ASN A 220 -2.74 -25.52 -1.30
N ASP A 221 -2.40 -24.75 -0.27
CA ASP A 221 -2.51 -25.24 1.11
C ASP A 221 -3.96 -25.52 1.47
N LEU A 222 -4.87 -24.63 1.06
CA LEU A 222 -6.28 -24.80 1.36
C LEU A 222 -7.01 -25.66 0.33
N ASP A 223 -6.36 -26.02 -0.76
CA ASP A 223 -6.96 -26.80 -1.85
C ASP A 223 -8.32 -26.22 -2.24
N LEU A 224 -8.29 -24.96 -2.68
CA LEU A 224 -9.51 -24.19 -2.83
C LEU A 224 -9.27 -23.05 -3.80
N ASP A 225 -10.28 -22.75 -4.62
CA ASP A 225 -10.21 -21.66 -5.58
C ASP A 225 -10.68 -20.37 -4.93
N LEU A 226 -9.84 -19.34 -5.00
CA LEU A 226 -10.14 -18.04 -4.42
C LEU A 226 -10.22 -16.99 -5.51
N TYR A 227 -10.87 -15.87 -5.18
CA TYR A 227 -11.04 -14.75 -6.09
C TYR A 227 -10.17 -13.59 -5.64
N LEU A 228 -9.41 -13.02 -6.57
CA LEU A 228 -8.75 -11.76 -6.30
C LEU A 228 -9.80 -10.69 -6.08
N ARG A 229 -9.57 -9.84 -5.07
CA ARG A 229 -10.57 -8.85 -4.68
C ARG A 229 -10.84 -7.88 -5.82
N ILE A 230 -12.12 -7.64 -6.10
CA ILE A 230 -12.51 -6.56 -6.99
C ILE A 230 -12.72 -5.25 -6.23
N ALA A 231 -12.84 -5.31 -4.91
CA ALA A 231 -13.02 -4.13 -4.08
C ALA A 231 -12.66 -4.49 -2.65
N THR A 232 -12.43 -3.45 -1.85
CA THR A 232 -12.16 -3.60 -0.43
C THR A 232 -13.39 -3.32 0.43
N GLU A 233 -14.56 -3.17 -0.20
CA GLU A 233 -15.73 -2.61 0.48
C GLU A 233 -16.20 -3.49 1.63
N LEU A 234 -16.41 -4.78 1.37
CA LEU A 234 -17.01 -5.64 2.40
C LEU A 234 -16.15 -5.77 3.64
N PRO A 235 -14.86 -6.14 3.57
CA PRO A 235 -14.08 -6.25 4.82
C PRO A 235 -13.94 -4.93 5.54
N LEU A 236 -13.88 -3.81 4.81
CA LEU A 236 -13.77 -2.51 5.46
C LEU A 236 -15.01 -2.19 6.29
N LYS A 237 -16.20 -2.42 5.74
CA LYS A 237 -17.42 -2.18 6.49
C LYS A 237 -17.52 -3.11 7.70
N MET A 238 -16.97 -4.33 7.58
CA MET A 238 -16.90 -5.21 8.75
C MET A 238 -16.02 -4.62 9.84
N LEU A 239 -14.99 -3.86 9.46
CA LEU A 239 -14.15 -3.21 10.46
C LEU A 239 -14.88 -2.06 11.14
N ILE A 240 -15.82 -1.43 10.42
CA ILE A 240 -16.68 -0.43 11.08
C ILE A 240 -17.50 -1.09 12.17
N VAL A 241 -18.05 -2.27 11.89
CA VAL A 241 -18.76 -3.04 12.90
C VAL A 241 -17.87 -3.29 14.10
N GLY A 242 -16.59 -3.57 13.85
CA GLY A 242 -15.64 -3.82 14.92
C GLY A 242 -15.22 -2.61 15.72
N GLY A 243 -15.71 -1.42 15.38
CA GLY A 243 -15.42 -0.24 16.15
C GLY A 243 -14.34 0.67 15.60
N ILE A 244 -13.72 0.31 14.47
CA ILE A 244 -12.79 1.22 13.83
C ILE A 244 -13.61 2.22 13.03
N ASP A 245 -14.01 3.31 13.69
CA ASP A 245 -15.05 4.20 13.15
C ASP A 245 -14.59 4.99 11.93
N LYS A 246 -13.29 5.17 11.75
CA LYS A 246 -12.73 5.78 10.54
C LYS A 246 -11.61 4.90 10.02
N VAL A 247 -11.81 4.31 8.85
CA VAL A 247 -10.93 3.27 8.33
C VAL A 247 -10.81 3.42 6.82
N TYR A 248 -9.66 3.05 6.29
CA TYR A 248 -9.44 3.13 4.85
C TYR A 248 -8.30 2.20 4.44
N GLU A 249 -8.17 2.02 3.13
CA GLU A 249 -7.18 1.13 2.55
C GLU A 249 -6.79 1.67 1.18
N ILE A 250 -5.50 1.86 0.95
CA ILE A 250 -4.96 2.20 -0.36
C ILE A 250 -4.18 1.01 -0.85
N GLY A 251 -4.65 0.39 -1.92
CA GLY A 251 -4.04 -0.85 -2.39
C GLY A 251 -4.64 -1.26 -3.71
N LYS A 252 -4.13 -2.37 -4.23
CA LYS A 252 -4.50 -2.83 -5.56
C LYS A 252 -5.81 -3.61 -5.52
N VAL A 253 -6.60 -3.44 -6.58
CA VAL A 253 -7.77 -4.26 -6.82
C VAL A 253 -7.68 -4.77 -8.26
N PHE A 254 -8.40 -5.86 -8.52
CA PHE A 254 -8.27 -6.58 -9.79
C PHE A 254 -9.63 -6.75 -10.43
N ARG A 255 -9.74 -6.46 -11.72
CA ARG A 255 -10.97 -6.66 -12.46
C ARG A 255 -10.63 -7.24 -13.83
N ASN A 256 -11.24 -8.39 -14.14
CA ASN A 256 -10.87 -9.22 -15.29
C ASN A 256 -11.83 -8.92 -16.44
N GLU A 257 -11.61 -7.79 -17.09
CA GLU A 257 -12.47 -7.34 -18.19
C GLU A 257 -11.60 -6.62 -19.22
N GLY A 258 -12.25 -5.86 -20.10
CA GLY A 258 -11.60 -5.18 -21.19
C GLY A 258 -10.54 -4.16 -20.82
N ILE A 259 -9.41 -4.22 -21.50
CA ILE A 259 -8.31 -3.27 -21.32
C ILE A 259 -8.47 -2.13 -22.31
N ASP A 260 -8.42 -0.90 -21.82
CA ASP A 260 -8.35 0.27 -22.69
C ASP A 260 -7.60 1.38 -21.97
N ASN A 261 -7.70 2.60 -22.52
CA ASN A 261 -6.90 3.73 -22.03
C ASN A 261 -7.26 4.14 -20.61
N THR A 262 -8.44 3.75 -20.10
CA THR A 262 -8.82 4.05 -18.72
C THR A 262 -9.10 2.79 -17.91
N HIS A 263 -8.77 1.61 -18.42
CA HIS A 263 -8.99 0.35 -17.72
C HIS A 263 -7.71 -0.47 -17.75
N ASN A 264 -7.14 -0.75 -16.58
CA ASN A 264 -6.03 -1.67 -16.44
C ASN A 264 -6.43 -2.82 -15.52
N PRO A 265 -6.02 -4.06 -15.82
CA PRO A 265 -6.52 -5.20 -15.05
C PRO A 265 -6.30 -5.10 -13.55
N GLU A 266 -5.17 -4.57 -13.12
CA GLU A 266 -4.95 -4.22 -11.73
C GLU A 266 -4.77 -2.70 -11.63
N PHE A 267 -5.39 -2.11 -10.61
CA PHE A 267 -5.30 -0.67 -10.44
C PHE A 267 -5.40 -0.37 -8.96
N THR A 268 -5.05 0.87 -8.62
CA THR A 268 -4.96 1.30 -7.23
C THR A 268 -6.22 2.06 -6.84
N SER A 269 -6.85 1.62 -5.76
CA SER A 269 -8.04 2.26 -5.23
C SER A 269 -7.80 2.69 -3.79
N CYS A 270 -8.43 3.80 -3.42
CA CYS A 270 -8.57 4.18 -2.03
C CYS A 270 -10.06 4.10 -1.69
N GLU A 271 -10.38 3.30 -0.68
CA GLU A 271 -11.73 3.21 -0.14
C GLU A 271 -11.68 3.53 1.34
N PHE A 272 -12.51 4.49 1.77
CA PHE A 272 -12.60 4.82 3.18
C PHE A 272 -14.05 4.68 3.64
N TYR A 273 -14.21 4.46 4.94
CA TYR A 273 -15.53 4.30 5.53
C TYR A 273 -15.58 5.14 6.80
N TRP A 274 -16.68 5.90 6.92
CA TRP A 274 -16.76 7.03 7.84
C TRP A 274 -18.07 6.90 8.63
N ALA A 275 -17.96 6.37 9.84
CA ALA A 275 -19.14 6.13 10.67
C ALA A 275 -19.83 7.44 11.02
N TYR A 276 -21.17 7.40 11.06
CA TYR A 276 -22.04 8.52 11.42
C TYR A 276 -22.00 9.66 10.41
N ALA A 277 -21.40 9.44 9.24
CA ALA A 277 -21.50 10.36 8.12
C ALA A 277 -22.52 9.81 7.12
N ASP A 278 -22.93 10.68 6.19
CA ASP A 278 -23.94 10.29 5.21
C ASP A 278 -23.57 10.87 3.84
N TYR A 279 -24.55 10.84 2.93
CA TYR A 279 -24.34 11.28 1.55
C TYR A 279 -23.79 12.70 1.49
N ASN A 280 -24.39 13.61 2.27
CA ASN A 280 -24.02 15.02 2.20
C ASN A 280 -22.60 15.26 2.70
N ASP A 281 -22.16 14.50 3.71
CA ASP A 281 -20.76 14.58 4.13
C ASP A 281 -19.84 14.11 3.01
N LEU A 282 -20.23 13.05 2.30
CA LEU A 282 -19.41 12.52 1.21
C LEU A 282 -19.29 13.53 0.08
N ILE A 283 -20.38 14.24 -0.23
CA ILE A 283 -20.32 15.30 -1.24
C ILE A 283 -19.33 16.37 -0.80
N LYS A 284 -19.43 16.79 0.47
CA LYS A 284 -18.51 17.81 0.99
C LYS A 284 -17.07 17.30 1.00
N TRP A 285 -16.87 16.03 1.38
CA TRP A 285 -15.52 15.46 1.40
C TRP A 285 -14.90 15.49 0.01
N SER A 286 -15.67 15.07 -1.00
CA SER A 286 -15.15 14.98 -2.35
C SER A 286 -14.75 16.35 -2.88
N GLU A 287 -15.58 17.37 -2.63
CA GLU A 287 -15.26 18.72 -3.09
C GLU A 287 -14.07 19.30 -2.32
N ASP A 288 -14.01 19.06 -1.01
CA ASP A 288 -12.87 19.52 -0.22
C ASP A 288 -11.58 18.87 -0.70
N PHE A 289 -11.59 17.55 -0.90
CA PHE A 289 -10.38 16.83 -1.24
C PHE A 289 -9.84 17.23 -2.60
N PHE A 290 -10.70 17.28 -3.62
CA PHE A 290 -10.23 17.53 -4.97
C PHE A 290 -9.75 18.96 -5.15
N SER A 291 -10.49 19.94 -4.60
CA SER A 291 -10.05 21.32 -4.70
C SER A 291 -8.73 21.53 -3.96
N GLN A 292 -8.60 20.95 -2.77
CA GLN A 292 -7.36 21.10 -2.01
C GLN A 292 -6.21 20.35 -2.69
N LEU A 293 -6.48 19.18 -3.25
CA LEU A 293 -5.43 18.42 -3.93
C LEU A 293 -4.92 19.17 -5.17
N VAL A 294 -5.83 19.73 -5.97
CA VAL A 294 -5.42 20.44 -7.18
C VAL A 294 -4.64 21.69 -6.82
N TYR A 295 -5.11 22.45 -5.84
CA TYR A 295 -4.38 23.65 -5.41
C TYR A 295 -3.04 23.29 -4.81
N HIS A 296 -2.95 22.14 -4.14
CA HIS A 296 -1.70 21.70 -3.53
C HIS A 296 -0.62 21.49 -4.60
N LEU A 297 -0.99 20.94 -5.75
CA LEU A 297 -0.03 20.63 -6.80
C LEU A 297 0.22 21.78 -7.76
N PHE A 298 -0.70 22.75 -7.84
CA PHE A 298 -0.62 23.76 -8.89
C PHE A 298 -0.77 25.19 -8.41
N GLY A 299 -1.15 25.41 -7.15
CA GLY A 299 -1.37 26.76 -6.69
C GLY A 299 -2.59 27.42 -7.31
N THR A 300 -3.47 26.64 -7.92
CA THR A 300 -4.69 27.15 -8.53
C THR A 300 -5.68 26.00 -8.64
N TYR A 301 -6.95 26.34 -8.82
CA TYR A 301 -7.99 25.34 -8.99
C TYR A 301 -8.24 24.98 -10.44
N LYS A 302 -7.63 25.70 -11.38
CA LYS A 302 -7.84 25.48 -12.80
C LYS A 302 -6.60 24.86 -13.42
N ILE A 303 -6.79 23.79 -14.18
CA ILE A 303 -5.70 23.09 -14.84
C ILE A 303 -6.05 22.92 -16.32
N SER A 304 -5.02 22.63 -17.11
CA SER A 304 -5.20 22.29 -18.52
C SER A 304 -5.15 20.78 -18.69
N TYR A 305 -5.97 20.27 -19.60
CA TYR A 305 -6.00 18.85 -19.91
C TYR A 305 -6.23 18.68 -21.40
N ASN A 306 -5.40 17.83 -22.03
CA ASN A 306 -5.54 17.53 -23.45
C ASN A 306 -6.48 16.33 -23.59
N LYS A 307 -7.78 16.63 -23.57
CA LYS A 307 -8.77 15.56 -23.71
C LYS A 307 -8.66 14.90 -25.07
N ASP A 308 -8.66 15.68 -26.15
CA ASP A 308 -8.54 15.14 -27.49
C ASP A 308 -7.08 15.08 -27.95
N GLY A 309 -6.24 14.47 -27.12
CA GLY A 309 -4.87 14.21 -27.47
C GLY A 309 -3.98 15.44 -27.44
N PRO A 310 -2.68 15.24 -27.64
CA PRO A 310 -1.74 16.37 -27.66
C PRO A 310 -1.67 17.12 -28.98
N GLU A 311 -2.38 16.66 -30.01
CA GLU A 311 -2.40 17.31 -31.31
C GLU A 311 -3.58 18.25 -31.48
N ASN A 312 -4.37 18.46 -30.43
CA ASN A 312 -5.52 19.36 -30.48
C ASN A 312 -5.47 20.29 -29.28
N GLN A 313 -6.23 21.37 -29.38
CA GLN A 313 -6.23 22.37 -28.31
C GLN A 313 -6.74 21.74 -27.01
N PRO A 314 -6.15 22.09 -25.88
CA PRO A 314 -6.60 21.55 -24.60
C PRO A 314 -7.89 22.21 -24.14
N ILE A 315 -8.38 21.77 -22.99
CA ILE A 315 -9.52 22.39 -22.32
C ILE A 315 -9.11 22.71 -20.90
N GLU A 316 -9.91 23.54 -20.25
CA GLU A 316 -9.69 23.91 -18.85
C GLU A 316 -10.71 23.19 -17.98
N ILE A 317 -10.22 22.48 -16.96
CA ILE A 317 -11.07 21.89 -15.94
C ILE A 317 -10.91 22.73 -14.68
N ASP A 318 -12.03 23.29 -14.21
CA ASP A 318 -12.04 24.15 -13.02
C ASP A 318 -12.54 23.33 -11.85
N PHE A 319 -11.70 23.20 -10.82
CA PHE A 319 -12.01 22.40 -9.64
C PHE A 319 -12.49 23.26 -8.48
N THR A 320 -12.84 24.52 -8.71
CA THR A 320 -13.41 25.35 -7.67
C THR A 320 -14.75 24.78 -7.24
N PRO A 321 -14.94 24.47 -5.95
CA PRO A 321 -16.23 23.93 -5.49
C PRO A 321 -17.25 25.04 -5.33
N PRO A 322 -18.55 24.70 -5.25
CA PRO A 322 -19.15 23.36 -5.31
C PRO A 322 -19.21 22.81 -6.73
N TYR A 323 -19.51 21.52 -6.87
CA TYR A 323 -19.64 20.89 -8.19
C TYR A 323 -21.10 20.59 -8.48
N PRO A 324 -21.53 20.65 -9.74
CA PRO A 324 -22.94 20.37 -10.06
C PRO A 324 -23.31 18.94 -9.74
N LYS A 325 -24.56 18.76 -9.30
CA LYS A 325 -25.14 17.45 -9.06
C LYS A 325 -26.30 17.24 -10.02
N VAL A 326 -26.37 16.04 -10.62
CA VAL A 326 -27.45 15.71 -11.54
C VAL A 326 -28.02 14.36 -11.13
N SER A 327 -29.35 14.29 -10.97
CA SER A 327 -30.02 13.05 -10.63
C SER A 327 -30.19 12.20 -11.88
N ILE A 328 -29.75 10.94 -11.82
CA ILE A 328 -29.59 10.14 -13.02
C ILE A 328 -30.95 9.83 -13.67
N VAL A 329 -31.91 9.33 -12.89
CA VAL A 329 -33.20 8.98 -13.46
C VAL A 329 -33.95 10.21 -13.94
N GLU A 330 -33.92 11.28 -13.14
CA GLU A 330 -34.57 12.54 -13.52
C GLU A 330 -34.01 13.07 -14.84
N GLU A 331 -32.68 13.15 -14.95
CA GLU A 331 -32.07 13.69 -16.16
C GLU A 331 -32.37 12.82 -17.37
N ILE A 332 -32.25 11.49 -17.21
CA ILE A 332 -32.58 10.58 -18.31
C ILE A 332 -34.03 10.77 -18.73
N GLU A 333 -34.93 10.85 -17.75
CA GLU A 333 -36.34 11.07 -18.08
C GLU A 333 -36.55 12.40 -18.77
N LYS A 334 -35.86 13.46 -18.30
CA LYS A 334 -36.00 14.76 -18.93
C LYS A 334 -35.39 14.77 -20.33
N VAL A 335 -34.20 14.17 -20.49
CA VAL A 335 -33.52 14.21 -21.79
C VAL A 335 -34.27 13.37 -22.81
N THR A 336 -34.69 12.17 -22.44
CA THR A 336 -35.39 11.28 -23.35
C THR A 336 -36.88 11.55 -23.42
N ASN A 337 -37.42 12.41 -22.56
CA ASN A 337 -38.86 12.70 -22.50
C ASN A 337 -39.67 11.41 -22.37
N THR A 338 -39.18 10.50 -21.52
CA THR A 338 -39.80 9.22 -21.27
C THR A 338 -39.76 8.95 -19.78
N ILE A 339 -40.85 8.46 -19.22
CA ILE A 339 -40.92 8.17 -17.79
C ILE A 339 -40.47 6.73 -17.57
N LEU A 340 -39.47 6.55 -16.71
CA LEU A 340 -38.97 5.23 -16.35
C LEU A 340 -39.75 4.75 -15.12
N GLU A 341 -40.78 3.96 -15.36
CA GLU A 341 -41.74 3.62 -14.32
C GLU A 341 -41.20 2.51 -13.42
N GLN A 342 -41.36 2.70 -12.11
CA GLN A 342 -40.86 1.74 -11.13
C GLN A 342 -41.80 0.54 -11.00
N PRO A 343 -41.25 -0.65 -10.72
CA PRO A 343 -39.83 -0.96 -10.51
C PRO A 343 -39.01 -0.85 -11.79
N PHE A 344 -37.78 -0.35 -11.68
CA PHE A 344 -36.97 -0.13 -12.88
C PHE A 344 -36.61 -1.42 -13.59
N ASP A 345 -36.66 -2.56 -12.89
CA ASP A 345 -36.36 -3.85 -13.48
C ASP A 345 -37.62 -4.61 -13.89
N SER A 346 -38.76 -3.93 -13.96
CA SER A 346 -39.95 -4.54 -14.51
C SER A 346 -39.76 -4.81 -16.00
N ASN A 347 -40.54 -5.77 -16.52
CA ASN A 347 -40.43 -6.09 -17.93
C ASN A 347 -40.78 -4.89 -18.81
N GLU A 348 -41.81 -4.13 -18.42
CA GLU A 348 -42.22 -2.97 -19.19
C GLU A 348 -41.12 -1.91 -19.23
N THR A 349 -40.56 -1.58 -18.06
CA THR A 349 -39.52 -0.54 -18.02
C THR A 349 -38.25 -1.00 -18.72
N ILE A 350 -37.91 -2.28 -18.64
CA ILE A 350 -36.77 -2.80 -19.39
C ILE A 350 -37.02 -2.65 -20.89
N GLU A 351 -38.23 -2.99 -21.34
CA GLU A 351 -38.56 -2.81 -22.75
C GLU A 351 -38.55 -1.33 -23.14
N LYS A 352 -39.02 -0.46 -22.24
CA LYS A 352 -39.02 0.97 -22.53
C LYS A 352 -37.59 1.52 -22.63
N MET A 353 -36.69 1.05 -21.74
CA MET A 353 -35.30 1.50 -21.82
C MET A 353 -34.63 0.99 -23.09
N ILE A 354 -34.90 -0.26 -23.48
CA ILE A 354 -34.33 -0.79 -24.72
C ILE A 354 -34.81 0.02 -25.92
N ASN A 355 -36.09 0.38 -25.92
CA ASN A 355 -36.65 1.13 -27.05
C ASN A 355 -35.99 2.50 -27.20
N ILE A 356 -35.67 3.16 -26.08
CA ILE A 356 -34.90 4.40 -26.14
C ILE A 356 -33.54 4.13 -26.76
N ILE A 357 -32.89 3.07 -26.31
CA ILE A 357 -31.58 2.69 -26.85
C ILE A 357 -31.69 2.32 -28.33
N LYS A 358 -32.77 1.63 -28.70
CA LYS A 358 -32.97 1.27 -30.10
C LYS A 358 -33.18 2.51 -30.97
N GLU A 359 -34.03 3.43 -30.52
CA GLU A 359 -34.34 4.60 -31.32
C GLU A 359 -33.14 5.54 -31.47
N HIS A 360 -32.24 5.57 -30.51
CA HIS A 360 -31.09 6.46 -30.57
C HIS A 360 -29.83 5.79 -31.12
N LYS A 361 -29.90 4.51 -31.41
CA LYS A 361 -28.75 3.78 -31.94
C LYS A 361 -27.58 3.77 -30.96
N ILE A 362 -27.88 3.62 -29.67
CA ILE A 362 -26.87 3.45 -28.63
C ILE A 362 -26.62 1.96 -28.46
N GLU A 363 -25.34 1.58 -28.34
CA GLU A 363 -25.01 0.16 -28.27
C GLU A 363 -25.71 -0.52 -27.09
N LEU A 364 -26.40 -1.62 -27.37
CA LEU A 364 -27.15 -2.32 -26.34
C LEU A 364 -26.21 -3.21 -25.53
N PRO A 365 -26.10 -3.00 -24.22
CA PRO A 365 -25.16 -3.79 -23.42
C PRO A 365 -25.58 -5.25 -23.28
N ASN A 366 -24.60 -6.08 -22.94
CA ASN A 366 -24.84 -7.50 -22.74
C ASN A 366 -24.59 -7.90 -21.29
N PRO A 367 -25.56 -8.55 -20.63
CA PRO A 367 -26.94 -8.73 -21.09
C PRO A 367 -27.70 -7.43 -20.86
N PRO A 368 -28.77 -7.16 -21.61
CA PRO A 368 -29.50 -5.90 -21.41
C PRO A 368 -30.30 -5.90 -20.12
N THR A 369 -29.61 -5.90 -18.98
CA THR A 369 -30.27 -5.81 -17.69
C THR A 369 -30.60 -4.36 -17.37
N ALA A 370 -31.56 -4.18 -16.48
CA ALA A 370 -32.03 -2.84 -16.14
C ALA A 370 -30.89 -1.97 -15.59
N ALA A 371 -30.06 -2.54 -14.73
CA ALA A 371 -28.93 -1.77 -14.18
C ALA A 371 -27.97 -1.35 -15.28
N LYS A 372 -27.69 -2.26 -16.23
CA LYS A 372 -26.78 -1.92 -17.32
C LYS A 372 -27.43 -0.98 -18.33
N LEU A 373 -28.72 -1.18 -18.61
CA LEU A 373 -29.42 -0.25 -19.50
C LEU A 373 -29.41 1.16 -18.93
N LEU A 374 -29.66 1.30 -17.62
CA LEU A 374 -29.58 2.61 -16.98
C LEU A 374 -28.17 3.18 -17.05
N ASP A 375 -27.16 2.33 -16.87
CA ASP A 375 -25.78 2.78 -16.99
C ASP A 375 -25.48 3.27 -18.41
N GLN A 376 -25.96 2.54 -19.41
CA GLN A 376 -25.74 2.97 -20.80
C GLN A 376 -26.47 4.27 -21.11
N LEU A 377 -27.70 4.42 -20.63
CA LEU A 377 -28.43 5.67 -20.84
C LEU A 377 -27.73 6.82 -20.13
N ALA A 378 -27.25 6.59 -18.91
CA ALA A 378 -26.49 7.62 -18.20
C ALA A 378 -25.22 7.97 -18.94
N SER A 379 -24.51 6.98 -19.46
CA SER A 379 -23.28 7.26 -20.20
C SER A 379 -23.55 8.09 -21.45
N HIS A 380 -24.61 7.74 -22.19
CA HIS A 380 -24.88 8.41 -23.46
C HIS A 380 -25.49 9.79 -23.28
N PHE A 381 -26.23 10.03 -22.19
CA PHE A 381 -27.07 11.22 -22.09
C PHE A 381 -26.59 12.25 -21.07
N ILE A 382 -25.87 11.84 -20.03
CA ILE A 382 -25.46 12.80 -19.00
C ILE A 382 -23.98 12.78 -18.69
N GLU A 383 -23.26 11.68 -18.93
CA GLU A 383 -21.89 11.56 -18.41
C GLU A 383 -20.89 12.50 -19.05
N ASN A 384 -21.25 13.15 -20.17
CA ASN A 384 -20.38 14.15 -20.78
C ASN A 384 -21.02 15.54 -20.74
N LYS A 385 -21.90 15.77 -19.77
CA LYS A 385 -22.57 17.07 -19.65
C LYS A 385 -21.56 18.17 -19.36
N TYR A 386 -20.70 17.96 -18.37
CA TYR A 386 -19.69 18.94 -17.98
C TYR A 386 -18.31 18.36 -18.24
N ASN A 387 -17.51 19.07 -19.04
CA ASN A 387 -16.10 18.75 -19.21
C ASN A 387 -15.19 19.87 -18.77
N ASP A 388 -15.71 21.08 -18.58
CA ASP A 388 -14.95 22.19 -18.03
C ASP A 388 -14.84 22.15 -16.52
N LYS A 389 -15.53 21.21 -15.88
CA LYS A 389 -15.48 21.07 -14.42
C LYS A 389 -15.93 19.66 -14.07
N PRO A 390 -15.56 19.15 -12.89
CA PRO A 390 -16.11 17.88 -12.44
C PRO A 390 -17.51 18.05 -11.88
N PHE A 391 -18.26 16.95 -11.87
CA PHE A 391 -19.64 16.99 -11.42
C PHE A 391 -20.05 15.61 -10.94
N PHE A 392 -21.12 15.58 -10.15
CA PHE A 392 -21.64 14.34 -9.56
C PHE A 392 -22.90 13.91 -10.29
N ILE A 393 -22.97 12.62 -10.61
CA ILE A 393 -24.23 11.95 -10.92
C ILE A 393 -24.68 11.25 -9.65
N VAL A 394 -25.90 11.56 -9.20
CA VAL A 394 -26.32 11.19 -7.85
C VAL A 394 -27.67 10.48 -7.87
N GLU A 395 -27.96 9.80 -6.75
CA GLU A 395 -29.27 9.22 -6.47
C GLU A 395 -29.60 8.07 -7.44
N HIS A 396 -28.66 7.15 -7.58
CA HIS A 396 -28.85 6.00 -8.46
C HIS A 396 -29.94 5.07 -7.90
N PRO A 397 -30.68 4.39 -8.77
CA PRO A 397 -31.69 3.44 -8.30
C PRO A 397 -31.09 2.32 -7.47
N GLN A 398 -31.92 1.78 -6.57
CA GLN A 398 -31.49 0.68 -5.71
C GLN A 398 -30.99 -0.51 -6.51
N ILE A 399 -31.59 -0.79 -7.67
CA ILE A 399 -31.20 -1.95 -8.46
C ILE A 399 -29.79 -1.82 -9.03
N MET A 400 -29.28 -0.59 -9.19
CA MET A 400 -27.88 -0.41 -9.57
C MET A 400 -26.94 -0.34 -8.37
N SER A 401 -27.47 -0.26 -7.15
CA SER A 401 -26.68 0.04 -5.96
C SER A 401 -27.06 -0.94 -4.86
N PRO A 402 -26.66 -2.21 -4.98
CA PRO A 402 -27.11 -3.22 -4.00
C PRO A 402 -26.62 -2.97 -2.59
N LEU A 403 -25.55 -2.20 -2.40
CA LEU A 403 -24.96 -2.00 -1.07
C LEU A 403 -25.18 -0.60 -0.53
N ALA A 404 -26.01 0.21 -1.19
CA ALA A 404 -26.23 1.59 -0.80
C ALA A 404 -27.55 1.73 -0.06
N LYS A 405 -27.58 2.62 0.93
CA LYS A 405 -28.78 2.84 1.72
C LYS A 405 -29.89 3.44 0.87
N TYR A 406 -31.12 3.00 1.13
CA TYR A 406 -32.27 3.52 0.41
C TYR A 406 -32.43 5.03 0.64
N HIS A 407 -32.82 5.74 -0.42
CA HIS A 407 -32.97 7.19 -0.35
C HIS A 407 -34.07 7.56 0.65
N ARG A 408 -33.79 8.57 1.48
CA ARG A 408 -34.66 8.87 2.61
C ARG A 408 -35.90 9.66 2.25
N THR A 409 -36.01 10.18 1.03
CA THR A 409 -37.25 10.80 0.55
C THR A 409 -37.69 10.35 -0.83
N LYS A 410 -36.80 9.85 -1.69
CA LYS A 410 -37.17 9.53 -3.05
C LYS A 410 -37.32 8.03 -3.21
N PRO A 411 -38.54 7.53 -3.47
CA PRO A 411 -38.75 6.08 -3.57
C PRO A 411 -37.90 5.42 -4.65
N GLY A 412 -37.40 4.22 -4.34
CA GLY A 412 -36.69 3.40 -5.29
C GLY A 412 -35.25 3.79 -5.52
N LEU A 413 -34.74 4.80 -4.84
CA LEU A 413 -33.42 5.34 -5.10
C LEU A 413 -32.52 5.13 -3.88
N THR A 414 -31.24 5.48 -4.06
CA THR A 414 -30.23 5.40 -3.02
C THR A 414 -29.55 6.75 -2.87
N GLU A 415 -28.84 6.93 -1.76
CA GLU A 415 -28.06 8.14 -1.52
C GLU A 415 -26.64 7.92 -2.04
N ARG A 416 -26.54 7.85 -3.36
CA ARG A 416 -25.31 7.49 -4.04
C ARG A 416 -24.80 8.65 -4.88
N LEU A 417 -23.47 8.73 -5.02
CA LEU A 417 -22.85 9.75 -5.86
C LEU A 417 -21.67 9.15 -6.62
N GLU A 418 -21.52 9.57 -7.87
CA GLU A 418 -20.34 9.28 -8.68
C GLU A 418 -19.84 10.59 -9.24
N MET A 419 -18.54 10.85 -9.09
CA MET A 419 -17.94 12.07 -9.62
C MET A 419 -17.18 11.76 -10.91
N PHE A 420 -17.38 12.60 -11.91
CA PHE A 420 -16.83 12.41 -13.24
C PHE A 420 -15.94 13.59 -13.61
N ILE A 421 -14.82 13.28 -14.24
CA ILE A 421 -13.94 14.28 -14.83
C ILE A 421 -13.79 13.94 -16.30
N CYS A 422 -14.22 14.85 -17.17
CA CYS A 422 -14.14 14.66 -18.62
C CYS A 422 -14.83 13.36 -19.04
N GLY A 423 -15.95 13.05 -18.39
CA GLY A 423 -16.71 11.87 -18.71
C GLY A 423 -16.16 10.57 -18.17
N LYS A 424 -15.24 10.61 -17.21
CA LYS A 424 -14.65 9.42 -16.62
C LYS A 424 -14.91 9.41 -15.13
N GLU A 425 -15.48 8.30 -14.65
CA GLU A 425 -15.72 8.17 -13.21
C GLU A 425 -14.39 8.01 -12.48
N VAL A 426 -14.27 8.70 -11.35
CA VAL A 426 -13.04 8.64 -10.55
C VAL A 426 -13.40 8.39 -9.09
N LEU A 427 -14.69 8.46 -8.77
CA LEU A 427 -15.13 8.44 -7.38
C LEU A 427 -16.52 7.84 -7.29
N ASN A 428 -16.71 6.88 -6.38
CA ASN A 428 -17.99 6.24 -6.14
C ASN A 428 -18.23 6.17 -4.63
N ALA A 429 -19.38 6.67 -4.18
CA ALA A 429 -19.66 6.79 -2.76
C ALA A 429 -21.16 6.74 -2.52
N TYR A 430 -21.54 6.40 -1.29
CA TYR A 430 -22.94 6.46 -0.88
C TYR A 430 -23.05 6.29 0.62
N THR A 431 -24.22 6.64 1.15
CA THR A 431 -24.63 6.20 2.48
C THR A 431 -24.75 4.69 2.49
N GLU A 432 -24.15 4.04 3.49
CA GLU A 432 -24.03 2.59 3.48
C GLU A 432 -25.31 1.94 3.97
N LEU A 433 -25.77 0.94 3.23
CA LEU A 433 -26.91 0.15 3.67
C LEU A 433 -26.51 -0.65 4.91
N ASN A 434 -27.16 -0.38 6.03
CA ASN A 434 -26.82 -1.04 7.29
C ASN A 434 -27.95 -1.87 7.88
N ASP A 435 -29.10 -1.97 7.21
CA ASP A 435 -30.19 -2.82 7.68
C ASP A 435 -29.99 -4.21 7.09
N PRO A 436 -29.66 -5.23 7.88
CA PRO A 436 -29.41 -6.56 7.31
C PRO A 436 -30.61 -7.14 6.58
N PHE A 437 -31.83 -6.81 7.00
CA PHE A 437 -33.01 -7.35 6.37
C PHE A 437 -33.31 -6.73 5.01
N LYS A 438 -32.75 -5.56 4.72
CA LYS A 438 -32.96 -4.91 3.43
C LYS A 438 -31.97 -5.38 2.37
N GLN A 439 -30.92 -6.09 2.76
CA GLN A 439 -30.03 -6.72 1.79
C GLN A 439 -30.74 -7.90 1.17
N LYS A 440 -31.13 -7.78 -0.11
CA LYS A 440 -31.80 -8.89 -0.78
C LYS A 440 -30.92 -10.13 -0.81
N GLU A 441 -29.62 -9.95 -0.97
CA GLU A 441 -28.68 -11.08 -1.00
C GLU A 441 -28.49 -11.73 0.36
N CYS A 442 -28.95 -11.10 1.44
CA CYS A 442 -28.77 -11.69 2.77
C CYS A 442 -29.66 -12.92 2.96
N PHE A 443 -30.98 -12.73 2.85
CA PHE A 443 -31.93 -13.81 3.08
C PHE A 443 -31.78 -14.93 2.07
N LEU A 460 -22.48 -12.26 -2.89
CA LEU A 460 -23.01 -12.20 -1.53
C LEU A 460 -22.18 -13.04 -0.58
N ASP A 461 -21.81 -12.45 0.55
CA ASP A 461 -21.01 -13.13 1.57
C ASP A 461 -21.89 -13.41 2.79
N SER A 462 -21.86 -14.67 3.25
CA SER A 462 -22.49 -14.98 4.52
C SER A 462 -21.79 -14.23 5.66
N ALA A 463 -20.46 -14.14 5.61
CA ALA A 463 -19.71 -13.46 6.66
C ALA A 463 -20.09 -11.99 6.75
N PHE A 464 -20.21 -11.31 5.60
CA PHE A 464 -20.57 -9.90 5.62
C PHE A 464 -22.00 -9.71 6.12
N CYS A 465 -22.94 -10.51 5.59
CA CYS A 465 -24.33 -10.41 6.01
C CYS A 465 -24.48 -10.68 7.51
N THR A 466 -23.75 -11.68 8.02
CA THR A 466 -23.76 -11.95 9.45
C THR A 466 -23.22 -10.76 10.25
N SER A 467 -22.13 -10.16 9.76
CA SER A 467 -21.55 -9.01 10.46
C SER A 467 -22.52 -7.84 10.52
N LEU A 468 -23.37 -7.69 9.49
CA LEU A 468 -24.40 -6.66 9.53
C LEU A 468 -25.38 -6.89 10.67
N GLU A 469 -25.60 -8.16 11.05
CA GLU A 469 -26.54 -8.46 12.12
C GLU A 469 -25.99 -8.11 13.50
N TYR A 470 -24.68 -7.95 13.63
CA TYR A 470 -24.10 -7.50 14.90
C TYR A 470 -24.15 -5.98 15.05
N GLY A 471 -24.65 -5.27 14.05
CA GLY A 471 -24.87 -3.85 14.15
C GLY A 471 -23.80 -3.03 13.46
N LEU A 472 -24.09 -2.60 12.23
CA LEU A 472 -23.25 -1.66 11.52
C LEU A 472 -23.83 -0.27 11.72
N PRO A 473 -23.12 0.66 12.33
CA PRO A 473 -23.67 2.00 12.55
C PRO A 473 -23.94 2.68 11.22
N PRO A 474 -24.81 3.70 11.19
CA PRO A 474 -25.00 4.46 9.95
C PRO A 474 -23.67 5.03 9.47
N THR A 475 -23.33 4.75 8.22
CA THR A 475 -21.98 4.94 7.73
C THR A 475 -22.03 5.54 6.32
N GLY A 476 -21.04 6.38 6.02
CA GLY A 476 -20.80 6.85 4.67
C GLY A 476 -19.45 6.35 4.18
N GLY A 477 -19.44 5.82 2.96
CA GLY A 477 -18.24 5.24 2.40
C GLY A 477 -18.01 5.74 0.99
N LEU A 478 -16.74 5.70 0.58
CA LEU A 478 -16.30 6.33 -0.65
C LEU A 478 -15.11 5.56 -1.22
N GLY A 479 -15.03 5.52 -2.55
CA GLY A 479 -13.92 4.91 -3.23
C GLY A 479 -13.39 5.80 -4.33
N LEU A 480 -12.07 5.75 -4.53
CA LEU A 480 -11.38 6.62 -5.47
C LEU A 480 -10.59 5.80 -6.49
N GLY A 481 -10.54 6.30 -7.72
CA GLY A 481 -9.67 5.73 -8.73
C GLY A 481 -8.39 6.53 -8.86
N ILE A 482 -7.32 6.04 -8.23
CA ILE A 482 -6.11 6.85 -8.11
C ILE A 482 -5.41 7.00 -9.45
N ASP A 483 -5.37 5.93 -10.25
CA ASP A 483 -4.74 6.01 -11.57
C ASP A 483 -5.47 6.99 -12.48
N ARG A 484 -6.80 6.95 -12.48
CA ARG A 484 -7.55 7.90 -13.29
C ARG A 484 -7.36 9.32 -12.80
N ILE A 485 -7.31 9.52 -11.48
CA ILE A 485 -7.06 10.85 -10.93
C ILE A 485 -5.69 11.34 -11.36
N THR A 486 -4.69 10.46 -11.34
CA THR A 486 -3.34 10.85 -11.75
C THR A 486 -3.29 11.26 -13.21
N MET A 487 -4.07 10.58 -14.06
CA MET A 487 -4.07 10.91 -15.49
C MET A 487 -4.46 12.35 -15.74
N PHE A 488 -5.56 12.79 -15.12
CA PHE A 488 -6.02 14.17 -15.32
C PHE A 488 -5.04 15.17 -14.72
N LEU A 489 -4.46 14.84 -13.58
CA LEU A 489 -3.55 15.75 -12.90
C LEU A 489 -2.14 15.72 -13.49
N THR A 490 -1.87 14.84 -14.46
CA THR A 490 -0.61 14.83 -15.19
C THR A 490 -0.81 14.93 -16.69
N ASN A 491 -2.03 15.25 -17.14
CA ASN A 491 -2.35 15.47 -18.56
C ASN A 491 -1.99 14.25 -19.42
N LYS A 492 -2.56 13.11 -19.05
CA LYS A 492 -2.37 11.87 -19.78
C LYS A 492 -3.71 11.31 -20.23
N ASN A 493 -3.77 10.82 -21.46
CA ASN A 493 -4.97 10.23 -22.03
C ASN A 493 -5.02 8.71 -21.86
N SER A 494 -3.91 8.09 -21.51
CA SER A 494 -3.83 6.65 -21.34
C SER A 494 -3.36 6.31 -19.94
N ILE A 495 -3.98 5.28 -19.35
CA ILE A 495 -3.61 4.86 -18.00
C ILE A 495 -2.23 4.20 -17.99
N LYS A 496 -1.76 3.71 -19.14
CA LYS A 496 -0.42 3.12 -19.18
C LYS A 496 0.67 4.14 -18.86
N ASP A 497 0.38 5.43 -18.99
CA ASP A 497 1.38 6.48 -18.77
C ASP A 497 1.46 6.91 -17.32
N VAL A 498 0.62 6.36 -16.42
CA VAL A 498 0.72 6.65 -15.00
C VAL A 498 0.94 5.40 -14.17
N ILE A 499 1.05 4.23 -14.82
CA ILE A 499 1.43 2.98 -14.16
C ILE A 499 2.84 2.63 -14.64
N LEU A 500 3.74 2.35 -13.70
CA LEU A 500 5.14 2.15 -14.05
C LEU A 500 5.31 0.99 -15.02
N PHE A 501 4.63 -0.13 -14.76
CA PHE A 501 4.67 -1.30 -15.63
C PHE A 501 3.24 -1.71 -15.94
N PRO A 502 2.60 -1.08 -16.92
CA PRO A 502 1.23 -1.43 -17.26
C PRO A 502 1.12 -2.85 -17.81
N THR A 503 -0.06 -3.43 -17.66
CA THR A 503 -0.32 -4.77 -18.18
C THR A 503 -0.12 -4.78 -19.69
N MET A 504 0.68 -5.72 -20.18
CA MET A 504 1.08 -5.73 -21.58
C MET A 504 1.02 -7.14 -22.14
N ARG A 505 0.70 -7.23 -23.43
CA ARG A 505 0.90 -8.46 -24.17
C ARG A 505 2.40 -8.77 -24.25
N PRO A 506 2.79 -10.04 -24.25
CA PRO A 506 4.19 -10.36 -24.51
C PRO A 506 4.49 -10.25 -26.01
N ALA A 507 5.52 -9.48 -26.34
CA ALA A 507 5.96 -9.36 -27.72
C ALA A 507 7.29 -10.08 -27.90
N VAL B 3 -31.22 -17.74 26.57
CA VAL B 3 -29.99 -18.49 26.70
C VAL B 3 -29.56 -19.05 25.35
N ASP B 4 -30.51 -19.56 24.59
CA ASP B 4 -30.21 -20.14 23.28
C ASP B 4 -29.93 -19.02 22.27
N PRO B 5 -28.76 -19.01 21.64
CA PRO B 5 -28.45 -17.91 20.70
C PRO B 5 -29.42 -17.82 19.53
N ARG B 6 -29.89 -18.95 19.01
CA ARG B 6 -30.75 -18.93 17.84
C ARG B 6 -32.09 -18.26 18.15
N LEU B 7 -32.63 -18.50 19.35
CA LEU B 7 -33.89 -17.86 19.72
C LEU B 7 -33.71 -16.38 19.99
N TYR B 8 -32.56 -15.98 20.54
CA TYR B 8 -32.29 -14.57 20.76
C TYR B 8 -32.28 -13.79 19.45
N PHE B 9 -31.58 -14.33 18.45
CA PHE B 9 -31.54 -13.69 17.14
C PHE B 9 -32.92 -13.66 16.51
N GLU B 10 -33.69 -14.74 16.67
CA GLU B 10 -35.05 -14.76 16.14
C GLU B 10 -35.92 -13.72 16.84
N ASN B 11 -35.81 -13.61 18.17
CA ASN B 11 -36.59 -12.63 18.91
C ASN B 11 -36.21 -11.20 18.49
N ARG B 12 -34.91 -10.92 18.39
CA ARG B 12 -34.46 -9.58 18.03
C ARG B 12 -34.87 -9.22 16.61
N SER B 13 -34.81 -10.18 15.69
CA SER B 13 -35.23 -9.92 14.32
C SER B 13 -36.71 -9.54 14.26
N LYS B 14 -37.55 -10.25 15.02
CA LYS B 14 -38.97 -9.90 15.08
C LYS B 14 -39.19 -8.53 15.69
N PHE B 15 -38.33 -8.13 16.63
CA PHE B 15 -38.43 -6.80 17.23
C PHE B 15 -38.21 -5.71 16.18
N ILE B 16 -37.23 -5.92 15.28
CA ILE B 16 -36.98 -4.95 14.22
C ILE B 16 -38.21 -4.81 13.33
N GLN B 17 -38.81 -5.94 12.96
CA GLN B 17 -40.01 -5.89 12.12
C GLN B 17 -41.18 -5.27 12.86
N ASP B 18 -41.30 -5.54 14.17
CA ASP B 18 -42.39 -4.95 14.95
C ASP B 18 -42.25 -3.44 15.02
N GLN B 19 -41.02 -2.93 15.15
CA GLN B 19 -40.81 -1.49 15.20
C GLN B 19 -41.16 -0.83 13.87
N LYS B 20 -40.83 -1.50 12.75
CA LYS B 20 -41.15 -0.94 11.45
C LYS B 20 -42.65 -0.80 11.26
N ASP B 21 -43.42 -1.83 11.65
CA ASP B 21 -44.87 -1.76 11.52
C ASP B 21 -45.45 -0.65 12.38
N LYS B 22 -44.76 -0.26 13.45
CA LYS B 22 -45.19 0.82 14.32
C LYS B 22 -44.83 2.20 13.77
N GLY B 23 -44.17 2.27 12.61
CA GLY B 23 -43.77 3.53 12.02
C GLY B 23 -42.42 4.04 12.47
N ILE B 24 -41.69 3.29 13.29
CA ILE B 24 -40.37 3.67 13.75
C ILE B 24 -39.32 3.02 12.86
N ASN B 25 -38.29 3.79 12.51
CA ASN B 25 -37.18 3.28 11.72
C ASN B 25 -36.06 2.89 12.66
N PRO B 26 -35.75 1.60 12.82
CA PRO B 26 -34.65 1.21 13.72
C PRO B 26 -33.26 1.46 13.14
N TYR B 27 -33.16 1.86 11.88
CA TYR B 27 -31.89 2.18 11.23
C TYR B 27 -32.01 3.57 10.61
N PRO B 28 -31.95 4.63 11.42
CA PRO B 28 -32.09 5.98 10.87
C PRO B 28 -30.89 6.38 10.02
N HIS B 29 -31.13 7.35 9.14
CA HIS B 29 -30.16 7.71 8.12
C HIS B 29 -28.98 8.50 8.68
N LYS B 30 -29.23 9.48 9.53
CA LYS B 30 -28.19 10.43 9.92
C LYS B 30 -28.44 10.93 11.34
N PHE B 31 -27.47 10.72 12.22
CA PHE B 31 -27.43 11.34 13.53
C PHE B 31 -26.27 12.33 13.53
N GLU B 32 -26.58 13.60 13.80
CA GLU B 32 -25.56 14.66 13.73
C GLU B 32 -24.81 14.69 15.06
N ARG B 33 -23.81 13.82 15.15
CA ARG B 33 -22.97 13.74 16.33
C ARG B 33 -22.23 15.05 16.56
N THR B 34 -22.07 15.40 17.84
CA THR B 34 -21.44 16.66 18.22
C THR B 34 -20.03 16.48 18.80
N ILE B 35 -19.73 15.32 19.37
CA ILE B 35 -18.44 15.09 20.02
C ILE B 35 -18.23 13.59 20.13
N SER B 36 -16.99 13.15 19.96
CA SER B 36 -16.66 11.74 20.08
C SER B 36 -16.45 11.37 21.54
N ILE B 37 -16.46 10.06 21.80
CA ILE B 37 -16.24 9.57 23.17
C ILE B 37 -14.85 9.95 23.69
N PRO B 38 -13.75 9.71 22.96
CA PRO B 38 -12.44 10.17 23.47
C PRO B 38 -12.37 11.67 23.68
N GLU B 39 -12.96 12.46 22.78
CA GLU B 39 -13.04 13.90 23.02
C GLU B 39 -13.87 14.19 24.27
N PHE B 40 -14.94 13.43 24.48
CA PHE B 40 -15.77 13.60 25.66
C PHE B 40 -14.98 13.33 26.94
N ILE B 41 -14.26 12.21 26.97
CA ILE B 41 -13.45 11.89 28.14
C ILE B 41 -12.39 12.96 28.35
N GLU B 42 -11.81 13.48 27.27
CA GLU B 42 -10.76 14.49 27.39
C GLU B 42 -11.29 15.78 28.01
N LYS B 43 -12.46 16.24 27.56
CA LYS B 43 -12.95 17.56 27.96
C LYS B 43 -13.66 17.57 29.31
N TYR B 44 -14.04 16.41 29.85
CA TYR B 44 -14.81 16.38 31.08
C TYR B 44 -14.26 15.39 32.11
N LYS B 45 -13.03 14.89 31.92
CA LYS B 45 -12.44 14.00 32.90
C LYS B 45 -12.20 14.73 34.22
N ASP B 46 -11.83 16.01 34.14
CA ASP B 46 -11.49 16.81 35.32
C ASP B 46 -12.72 17.38 36.02
N LEU B 47 -13.92 16.96 35.63
CA LEU B 47 -15.12 17.45 36.29
C LEU B 47 -15.17 16.99 37.74
N GLY B 48 -15.80 17.80 38.58
CA GLY B 48 -16.02 17.41 39.95
C GLY B 48 -17.08 16.32 40.06
N ASN B 49 -17.00 15.56 41.16
CA ASN B 49 -17.98 14.51 41.40
C ASN B 49 -19.35 15.12 41.66
N GLY B 50 -20.37 14.53 41.04
CA GLY B 50 -21.71 15.06 41.14
C GLY B 50 -21.96 16.32 40.33
N GLU B 51 -20.93 16.87 39.69
CA GLU B 51 -21.05 18.10 38.94
C GLU B 51 -21.72 17.84 37.60
N HIS B 52 -22.80 18.55 37.33
CA HIS B 52 -23.45 18.54 36.03
C HIS B 52 -23.10 19.81 35.26
N LEU B 53 -23.45 19.81 33.98
CA LEU B 53 -23.46 21.03 33.16
C LEU B 53 -24.72 20.96 32.31
N GLU B 54 -25.83 21.47 32.86
CA GLU B 54 -27.13 21.30 32.22
C GLU B 54 -27.27 22.17 30.98
N ASP B 55 -26.60 23.32 30.95
CA ASP B 55 -26.76 24.28 29.86
C ASP B 55 -25.93 23.92 28.64
N THR B 56 -25.24 22.78 28.63
CA THR B 56 -24.50 22.31 27.47
C THR B 56 -25.09 20.97 27.04
N ILE B 57 -25.87 21.00 25.95
CA ILE B 57 -26.43 19.79 25.37
C ILE B 57 -25.45 19.24 24.35
N LEU B 58 -25.24 17.92 24.40
CA LEU B 58 -24.27 17.26 23.56
C LEU B 58 -24.91 16.07 22.86
N ASN B 59 -24.50 15.82 21.62
CA ASN B 59 -24.97 14.68 20.84
C ASN B 59 -23.82 13.69 20.74
N ILE B 60 -24.06 12.46 21.19
CA ILE B 60 -23.01 11.46 21.31
C ILE B 60 -23.52 10.13 20.78
N THR B 61 -22.61 9.33 20.24
CA THR B 61 -22.92 8.00 19.74
C THR B 61 -21.94 7.00 20.34
N GLY B 62 -22.32 5.74 20.29
CA GLY B 62 -21.49 4.68 20.82
C GLY B 62 -22.24 3.36 20.78
N ARG B 63 -21.64 2.36 21.41
CA ARG B 63 -22.20 1.01 21.46
C ARG B 63 -22.43 0.62 22.91
N ILE B 64 -23.66 0.20 23.21
CA ILE B 64 -23.99 -0.28 24.54
C ILE B 64 -23.26 -1.60 24.78
N MET B 65 -22.38 -1.63 25.78
CA MET B 65 -21.66 -2.84 26.12
C MET B 65 -22.07 -3.44 27.45
N ARG B 66 -22.89 -2.73 28.24
CA ARG B 66 -23.42 -3.27 29.48
C ARG B 66 -24.75 -2.60 29.79
N VAL B 67 -25.68 -3.38 30.34
CA VAL B 67 -27.02 -2.90 30.66
C VAL B 67 -27.31 -3.22 32.12
N SER B 68 -27.78 -2.22 32.86
CA SER B 68 -28.22 -2.42 34.23
C SER B 68 -29.15 -1.27 34.61
N ALA B 69 -29.78 -1.39 35.79
CA ALA B 69 -30.75 -0.41 36.23
C ALA B 69 -30.81 -0.40 37.75
N SER B 70 -30.94 0.80 38.31
CA SER B 70 -31.10 0.99 39.75
C SER B 70 -32.56 1.38 40.01
N GLY B 71 -33.27 0.55 40.76
CA GLY B 71 -34.72 0.69 40.81
C GLY B 71 -35.27 0.48 39.41
N GLN B 72 -36.05 1.45 38.94
CA GLN B 72 -36.45 1.46 37.54
C GLN B 72 -36.42 2.86 36.93
N LYS B 73 -36.16 3.90 37.71
CA LYS B 73 -36.08 5.27 37.20
C LYS B 73 -34.66 5.68 36.83
N LEU B 74 -33.67 4.86 37.14
CA LEU B 74 -32.28 5.13 36.79
C LEU B 74 -31.71 3.90 36.09
N ARG B 75 -31.24 4.08 34.87
CA ARG B 75 -30.69 3.00 34.07
C ARG B 75 -29.22 3.27 33.75
N PHE B 76 -28.39 2.26 33.94
CA PHE B 76 -26.95 2.37 33.82
C PHE B 76 -26.49 1.63 32.57
N PHE B 77 -25.62 2.26 31.78
CA PHE B 77 -25.10 1.64 30.57
C PHE B 77 -23.61 1.92 30.43
N ASP B 78 -22.92 1.02 29.74
CA ASP B 78 -21.55 1.24 29.29
C ASP B 78 -21.59 1.61 27.81
N LEU B 79 -20.97 2.74 27.46
CA LEU B 79 -20.92 3.23 26.09
C LEU B 79 -19.46 3.25 25.65
N VAL B 80 -19.15 2.53 24.58
CA VAL B 80 -17.79 2.44 24.07
C VAL B 80 -17.75 2.96 22.63
N GLY B 81 -16.67 3.65 22.31
CA GLY B 81 -16.43 4.16 20.97
C GLY B 81 -14.98 4.53 20.80
N ASP B 82 -14.38 4.12 19.69
CA ASP B 82 -12.95 4.33 19.43
C ASP B 82 -12.09 3.72 20.54
N GLY B 83 -12.54 2.61 21.11
CA GLY B 83 -11.77 1.93 22.14
C GLY B 83 -11.78 2.58 23.50
N GLU B 84 -12.75 3.45 23.78
CA GLU B 84 -12.83 4.14 25.06
C GLU B 84 -14.27 4.12 25.55
N LYS B 85 -14.44 4.22 26.86
CA LYS B 85 -15.72 3.96 27.51
C LYS B 85 -16.13 5.09 28.42
N ILE B 86 -17.44 5.40 28.41
CA ILE B 86 -18.09 6.23 29.40
C ILE B 86 -19.32 5.49 29.92
N GLN B 87 -20.09 6.15 30.79
CA GLN B 87 -21.32 5.58 31.31
C GLN B 87 -22.50 6.45 30.88
N VAL B 88 -23.63 5.79 30.62
CA VAL B 88 -24.89 6.47 30.34
C VAL B 88 -25.70 6.51 31.62
N LEU B 89 -26.08 7.70 32.06
CA LEU B 89 -26.96 7.87 33.23
C LEU B 89 -28.31 8.35 32.74
N ALA B 90 -29.22 7.41 32.52
CA ALA B 90 -30.59 7.70 32.15
C ALA B 90 -31.40 7.87 33.43
N ASN B 91 -31.82 9.10 33.70
CA ASN B 91 -32.59 9.43 34.89
C ASN B 91 -33.91 10.03 34.47
N TYR B 92 -35.00 9.49 35.02
CA TYR B 92 -36.36 9.88 34.67
C TYR B 92 -36.58 11.38 34.76
N SER B 93 -35.94 12.02 35.74
CA SER B 93 -36.09 13.46 35.90
C SER B 93 -35.61 14.22 34.66
N PHE B 94 -34.48 13.82 34.08
CA PHE B 94 -33.98 14.48 32.88
C PHE B 94 -34.46 13.84 31.59
N HIS B 95 -35.49 13.00 31.62
CA HIS B 95 -36.01 12.43 30.39
C HIS B 95 -37.01 13.38 29.75
N ASN B 96 -36.80 13.69 28.47
CA ASN B 96 -37.74 14.52 27.72
C ASN B 96 -38.93 13.65 27.34
N HIS B 97 -40.02 13.78 28.09
CA HIS B 97 -41.20 12.95 27.86
C HIS B 97 -41.97 13.35 26.62
N GLU B 98 -41.67 14.51 26.02
CA GLU B 98 -42.33 14.93 24.79
C GLU B 98 -41.99 14.03 23.61
N LYS B 99 -40.98 13.17 23.73
CA LYS B 99 -40.51 12.35 22.62
C LYS B 99 -40.69 10.86 22.82
N GLY B 100 -41.23 10.43 23.95
CA GLY B 100 -41.48 9.01 24.16
C GLY B 100 -41.42 8.64 25.62
N ASN B 101 -42.00 7.48 25.94
CA ASN B 101 -42.00 6.96 27.30
C ASN B 101 -40.59 6.58 27.74
N PHE B 102 -40.27 6.89 28.99
CA PHE B 102 -38.93 6.61 29.51
C PHE B 102 -38.66 5.11 29.54
N ALA B 103 -39.56 4.34 30.16
CA ALA B 103 -39.36 2.90 30.25
C ALA B 103 -39.41 2.24 28.88
N GLU B 104 -40.32 2.68 28.02
CA GLU B 104 -40.43 2.12 26.67
C GLU B 104 -39.13 2.27 25.90
N CYS B 105 -38.45 3.42 26.05
CA CYS B 105 -37.21 3.65 25.34
C CYS B 105 -36.11 2.70 25.82
N TYR B 106 -35.91 2.63 27.14
CA TYR B 106 -34.75 1.93 27.68
C TYR B 106 -34.98 0.44 27.92
N ASP B 107 -36.23 -0.02 27.89
CA ASP B 107 -36.48 -1.46 27.99
C ASP B 107 -35.93 -2.20 26.78
N LYS B 108 -35.98 -1.58 25.60
CA LYS B 108 -35.58 -2.26 24.37
C LYS B 108 -34.08 -2.43 24.24
N ILE B 109 -33.29 -1.58 24.88
CA ILE B 109 -31.85 -1.52 24.60
C ILE B 109 -31.19 -2.82 25.04
N ARG B 110 -30.46 -3.44 24.13
CA ARG B 110 -29.74 -4.68 24.39
C ARG B 110 -28.24 -4.43 24.26
N ARG B 111 -27.45 -5.27 24.93
CA ARG B 111 -26.00 -5.14 24.87
C ARG B 111 -25.51 -5.30 23.45
N GLY B 112 -24.88 -4.26 22.93
CA GLY B 112 -24.40 -4.23 21.56
C GLY B 112 -25.09 -3.23 20.66
N ASP B 113 -26.19 -2.63 21.12
CA ASP B 113 -26.89 -1.65 20.31
C ASP B 113 -26.03 -0.40 20.09
N ILE B 114 -25.97 0.06 18.86
CA ILE B 114 -25.40 1.37 18.56
C ILE B 114 -26.49 2.40 18.78
N VAL B 115 -26.25 3.36 19.67
CA VAL B 115 -27.26 4.34 20.05
C VAL B 115 -26.73 5.75 19.80
N GLY B 116 -27.66 6.66 19.63
CA GLY B 116 -27.35 8.09 19.63
C GLY B 116 -28.02 8.75 20.82
N ILE B 117 -27.33 9.68 21.45
CA ILE B 117 -27.75 10.26 22.72
C ILE B 117 -27.70 11.77 22.62
N VAL B 118 -28.78 12.43 23.06
CA VAL B 118 -28.82 13.87 23.26
C VAL B 118 -28.86 14.11 24.76
N GLY B 119 -27.87 14.82 25.28
CA GLY B 119 -27.82 15.04 26.72
C GLY B 119 -26.67 15.96 27.09
N PHE B 120 -26.41 16.03 28.40
CA PHE B 120 -25.39 16.90 28.98
C PHE B 120 -24.30 16.09 29.65
N PRO B 121 -23.11 16.67 29.80
CA PRO B 121 -22.02 15.98 30.50
C PRO B 121 -22.04 16.22 32.00
N GLY B 122 -21.50 15.25 32.72
CA GLY B 122 -21.39 15.38 34.16
C GLY B 122 -20.79 14.13 34.77
N LYS B 123 -20.50 14.23 36.06
CA LYS B 123 -20.04 13.11 36.86
C LYS B 123 -21.11 12.73 37.88
N SER B 124 -21.18 11.44 38.20
CA SER B 124 -22.11 10.97 39.22
C SER B 124 -21.54 11.25 40.60
N LYS B 125 -22.31 10.89 41.64
CA LYS B 125 -21.83 11.05 43.00
C LYS B 125 -20.62 10.17 43.26
N LYS B 126 -20.63 8.94 42.75
CA LYS B 126 -19.51 8.04 42.92
C LYS B 126 -18.29 8.49 42.11
N GLY B 127 -18.46 9.38 41.16
CA GLY B 127 -17.35 9.94 40.41
C GLY B 127 -17.09 9.36 39.04
N GLU B 128 -17.96 8.48 38.55
CA GLU B 128 -17.79 7.91 37.22
C GLU B 128 -18.33 8.87 36.17
N LEU B 129 -17.45 9.33 35.28
CA LEU B 129 -17.84 10.28 34.25
C LEU B 129 -18.96 9.69 33.38
N SER B 130 -19.99 10.49 33.15
CA SER B 130 -21.22 9.97 32.56
C SER B 130 -21.78 10.95 31.54
N ILE B 131 -22.55 10.40 30.60
CA ILE B 131 -23.43 11.19 29.75
C ILE B 131 -24.85 11.01 30.27
N PHE B 132 -25.59 12.12 30.41
CA PHE B 132 -26.95 12.09 30.92
C PHE B 132 -27.89 12.40 29.77
N PRO B 133 -28.52 11.39 29.16
CA PRO B 133 -29.43 11.69 28.04
C PRO B 133 -30.72 12.36 28.48
N LYS B 134 -31.18 13.27 27.63
CA LYS B 134 -32.59 13.66 27.58
C LYS B 134 -33.37 12.71 26.68
N GLU B 135 -32.75 12.29 25.59
CA GLU B 135 -33.34 11.39 24.60
C GLU B 135 -32.28 10.41 24.14
N THR B 136 -32.67 9.14 23.97
CA THR B 136 -31.77 8.10 23.48
C THR B 136 -32.44 7.44 22.29
N ILE B 137 -31.71 7.37 21.17
CA ILE B 137 -32.24 6.89 19.90
C ILE B 137 -31.44 5.68 19.46
N LEU B 138 -32.14 4.61 19.08
CA LEU B 138 -31.47 3.46 18.49
C LEU B 138 -31.00 3.80 17.09
N LEU B 139 -29.70 3.64 16.85
CA LEU B 139 -29.11 3.88 15.53
C LEU B 139 -28.90 2.59 14.74
N SER B 140 -28.46 1.52 15.42
CA SER B 140 -28.27 0.23 14.78
C SER B 140 -28.19 -0.82 15.88
N ALA B 141 -29.04 -1.84 15.78
CA ALA B 141 -29.19 -2.82 16.85
C ALA B 141 -28.31 -4.04 16.60
N CYS B 142 -27.83 -4.63 17.68
CA CYS B 142 -27.07 -5.88 17.63
C CYS B 142 -28.05 -7.05 17.78
N LEU B 143 -28.28 -7.76 16.67
CA LEU B 143 -29.30 -8.80 16.65
C LEU B 143 -28.86 -10.07 17.38
N HIS B 144 -27.57 -10.31 17.48
CA HIS B 144 -27.05 -11.47 18.21
C HIS B 144 -26.65 -11.08 19.62
N MET B 145 -26.38 -12.09 20.44
CA MET B 145 -25.80 -11.87 21.76
C MET B 145 -24.30 -11.73 21.64
N LEU B 146 -23.76 -10.63 22.15
CA LEU B 146 -22.32 -10.44 22.17
C LEU B 146 -21.71 -11.28 23.29
N PRO B 147 -20.76 -12.16 22.99
CA PRO B 147 -20.13 -12.95 24.05
C PRO B 147 -19.24 -12.10 24.95
N MET B 148 -18.68 -12.71 25.99
CA MET B 148 -17.80 -12.00 26.93
C MET B 148 -16.34 -12.40 26.82
N LYS B 149 -16.04 -13.68 26.60
CA LYS B 149 -14.65 -14.14 26.59
C LYS B 149 -14.20 -14.63 25.23
N TYR B 150 -14.86 -15.66 24.68
CA TYR B 150 -14.44 -16.34 23.44
C TYR B 150 -12.93 -16.39 23.24
N THR B 155 -12.06 -19.23 20.25
CA THR B 155 -10.66 -18.93 19.96
C THR B 155 -10.45 -18.69 18.48
N GLU B 156 -11.15 -19.46 17.65
CA GLU B 156 -11.16 -19.25 16.21
C GLU B 156 -12.31 -18.38 15.74
N ILE B 157 -13.16 -17.92 16.66
CA ILE B 157 -14.10 -16.84 16.35
C ILE B 157 -13.33 -15.56 16.08
N ARG B 158 -12.22 -15.35 16.79
CA ARG B 158 -11.39 -14.17 16.59
C ARG B 158 -10.98 -14.01 15.13
N TYR B 159 -10.55 -15.10 14.50
CA TYR B 159 -10.05 -15.03 13.14
C TYR B 159 -11.18 -14.92 12.12
N ARG B 160 -12.30 -15.61 12.36
CA ARG B 160 -13.41 -15.60 11.41
C ARG B 160 -14.36 -14.45 11.62
N GLN B 161 -14.45 -13.90 12.84
CA GLN B 161 -15.23 -12.69 13.12
C GLN B 161 -14.31 -11.73 13.88
N ARG B 162 -13.50 -10.97 13.14
CA ARG B 162 -12.54 -10.07 13.76
C ARG B 162 -13.24 -8.91 14.45
N TYR B 163 -14.42 -8.52 13.96
CA TYR B 163 -15.15 -7.41 14.57
C TYR B 163 -15.49 -7.70 16.02
N LEU B 164 -15.89 -8.93 16.33
CA LEU B 164 -16.15 -9.31 17.72
C LEU B 164 -14.87 -9.18 18.54
N ASP B 165 -13.75 -9.64 18.01
CA ASP B 165 -12.47 -9.50 18.69
C ASP B 165 -12.16 -8.03 18.94
N LEU B 166 -12.37 -7.18 17.94
CA LEU B 166 -12.10 -5.76 18.09
C LEU B 166 -13.03 -5.10 19.11
N LEU B 167 -14.26 -5.61 19.23
CA LEU B 167 -15.21 -5.04 20.19
C LEU B 167 -14.96 -5.54 21.61
N ILE B 168 -14.49 -6.77 21.78
CA ILE B 168 -14.51 -7.44 23.07
C ILE B 168 -13.17 -7.39 23.78
N ASN B 169 -12.07 -7.60 23.05
CA ASN B 169 -10.81 -7.95 23.69
C ASN B 169 -10.00 -6.74 24.16
N GLU B 170 -9.97 -5.66 23.36
CA GLU B 170 -9.32 -4.40 23.72
C GLU B 170 -7.79 -4.51 23.72
N SER B 171 -7.28 -5.74 23.60
CA SER B 171 -5.88 -5.96 23.27
C SER B 171 -5.69 -6.26 21.79
N SER B 172 -6.75 -6.76 21.13
CA SER B 172 -6.74 -6.85 19.68
C SER B 172 -6.66 -5.48 19.04
N ARG B 173 -7.40 -4.50 19.57
CA ARG B 173 -7.35 -3.15 19.02
C ARG B 173 -5.96 -2.54 19.15
N HIS B 174 -5.31 -2.73 20.31
CA HIS B 174 -3.95 -2.25 20.48
C HIS B 174 -3.00 -2.93 19.49
N THR B 175 -3.19 -4.23 19.27
CA THR B 175 -2.31 -4.97 18.38
C THR B 175 -2.32 -4.40 16.96
N PHE B 176 -3.51 -4.07 16.45
CA PHE B 176 -3.61 -3.57 15.08
C PHE B 176 -3.38 -2.07 14.98
N VAL B 177 -3.53 -1.32 16.07
CA VAL B 177 -3.06 0.05 16.10
C VAL B 177 -1.53 0.09 16.04
N THR B 178 -0.88 -0.83 16.75
CA THR B 178 0.58 -0.92 16.70
C THR B 178 1.06 -1.26 15.29
N ARG B 179 0.34 -2.14 14.59
CA ARG B 179 0.75 -2.53 13.24
C ARG B 179 0.76 -1.33 12.30
N THR B 180 -0.31 -0.53 12.33
CA THR B 180 -0.36 0.64 11.47
C THR B 180 0.74 1.65 11.84
N LYS B 181 0.99 1.80 13.15
CA LYS B 181 2.08 2.68 13.58
C LYS B 181 3.42 2.19 13.06
N ILE B 182 3.62 0.86 13.03
CA ILE B 182 4.86 0.30 12.51
C ILE B 182 5.03 0.68 11.03
N ILE B 183 3.97 0.50 10.24
CA ILE B 183 4.07 0.80 8.81
C ILE B 183 4.20 2.30 8.57
N ASN B 184 3.49 3.11 9.37
CA ASN B 184 3.64 4.56 9.27
C ASN B 184 5.07 4.99 9.57
N PHE B 185 5.66 4.44 10.63
CA PHE B 185 7.04 4.77 10.96
C PHE B 185 7.98 4.36 9.83
N LEU B 186 7.77 3.17 9.26
CA LEU B 186 8.62 2.69 8.18
C LEU B 186 8.50 3.60 6.95
N ARG B 187 7.28 3.99 6.60
CA ARG B 187 7.08 4.88 5.47
C ARG B 187 7.78 6.21 5.68
N ASN B 188 7.61 6.80 6.87
CA ASN B 188 8.24 8.08 7.15
C ASN B 188 9.75 7.93 7.30
N PHE B 189 10.21 6.82 7.87
CA PHE B 189 11.64 6.58 8.04
C PHE B 189 12.35 6.57 6.70
N LEU B 190 11.80 5.85 5.72
CA LEU B 190 12.41 5.81 4.40
C LEU B 190 12.23 7.14 3.68
N ASN B 191 11.07 7.78 3.85
CA ASN B 191 10.79 9.04 3.16
C ASN B 191 11.75 10.14 3.59
N GLU B 192 12.04 10.22 4.89
CA GLU B 192 12.98 11.21 5.38
C GLU B 192 14.39 10.97 4.87
N ARG B 193 14.71 9.74 4.47
CA ARG B 193 16.02 9.40 3.92
C ARG B 193 16.07 9.53 2.41
N GLY B 194 15.06 10.16 1.80
CA GLY B 194 15.06 10.40 0.37
C GLY B 194 14.53 9.28 -0.48
N PHE B 195 13.95 8.25 0.12
CA PHE B 195 13.41 7.13 -0.65
C PHE B 195 12.09 7.50 -1.30
N PHE B 196 11.81 6.89 -2.45
CA PHE B 196 10.66 7.20 -3.27
C PHE B 196 9.76 5.98 -3.37
N GLU B 197 8.52 6.12 -2.91
CA GLU B 197 7.58 5.01 -2.92
C GLU B 197 6.94 4.84 -4.29
N VAL B 198 6.84 3.58 -4.74
CA VAL B 198 6.28 3.24 -6.03
C VAL B 198 5.37 2.03 -5.87
N GLU B 199 4.66 1.72 -6.95
CA GLU B 199 3.88 0.48 -7.05
C GLU B 199 4.31 -0.27 -8.29
N THR B 200 4.57 -1.56 -8.15
CA THR B 200 4.94 -2.45 -9.24
C THR B 200 3.89 -3.55 -9.35
N PRO B 201 3.78 -4.21 -10.50
CA PRO B 201 2.64 -5.11 -10.71
C PRO B 201 2.60 -6.27 -9.72
N MET B 202 1.38 -6.62 -9.31
CA MET B 202 1.17 -7.85 -8.57
C MET B 202 1.01 -9.04 -9.48
N MET B 203 0.67 -8.82 -10.75
CA MET B 203 0.46 -9.88 -11.73
C MET B 203 1.52 -9.75 -12.81
N ASN B 204 2.25 -10.84 -13.06
CA ASN B 204 3.31 -10.85 -14.05
C ASN B 204 3.15 -12.07 -14.95
N LEU B 205 3.92 -12.09 -16.03
CA LEU B 205 4.01 -13.23 -16.92
C LEU B 205 5.08 -14.23 -16.46
N ILE B 206 5.69 -13.98 -15.30
CA ILE B 206 6.72 -14.84 -14.72
C ILE B 206 6.32 -16.31 -14.72
N ALA B 212 9.73 -20.22 -4.36
CA ALA B 212 8.54 -20.96 -3.98
C ALA B 212 7.54 -21.05 -5.12
N ARG B 213 6.41 -21.73 -4.87
CA ARG B 213 5.38 -21.98 -5.86
C ARG B 213 4.49 -20.74 -6.05
N PRO B 214 4.00 -20.51 -7.26
CA PRO B 214 3.22 -19.31 -7.55
C PRO B 214 1.72 -19.53 -7.43
N PHE B 215 1.03 -18.42 -7.21
CA PHE B 215 -0.41 -18.34 -7.47
C PHE B 215 -0.62 -18.01 -8.93
N ILE B 216 -1.53 -18.74 -9.57
CA ILE B 216 -1.75 -18.66 -11.01
C ILE B 216 -3.17 -18.19 -11.28
N THR B 217 -3.31 -17.16 -12.11
CA THR B 217 -4.60 -16.65 -12.54
C THR B 217 -4.56 -16.42 -14.04
N HIS B 218 -5.73 -16.12 -14.60
CA HIS B 218 -5.89 -16.02 -16.05
C HIS B 218 -6.69 -14.78 -16.40
N HIS B 219 -6.18 -13.98 -17.34
CA HIS B 219 -6.93 -12.88 -17.90
C HIS B 219 -7.67 -13.37 -19.14
N ASN B 220 -8.96 -13.02 -19.24
CA ASN B 220 -9.83 -13.61 -20.24
C ASN B 220 -9.61 -13.02 -21.63
N ASP B 221 -9.72 -11.68 -21.74
CA ASP B 221 -9.58 -11.05 -23.04
C ASP B 221 -8.19 -11.24 -23.62
N LEU B 222 -7.16 -11.13 -22.79
CA LEU B 222 -5.80 -11.38 -23.27
C LEU B 222 -5.54 -12.85 -23.51
N ASP B 223 -6.28 -13.72 -22.81
CA ASP B 223 -6.15 -15.17 -22.92
C ASP B 223 -4.71 -15.63 -22.70
N LEU B 224 -4.19 -15.31 -21.52
CA LEU B 224 -2.89 -15.78 -21.09
C LEU B 224 -2.85 -15.80 -19.57
N ASP B 225 -2.07 -16.74 -19.03
CA ASP B 225 -1.97 -16.89 -17.59
C ASP B 225 -1.04 -15.84 -17.00
N LEU B 226 -1.37 -15.42 -15.78
CA LEU B 226 -0.58 -14.44 -15.04
C LEU B 226 -0.23 -15.03 -13.68
N TYR B 227 0.90 -14.61 -13.13
CA TYR B 227 1.40 -15.13 -11.86
C TYR B 227 1.54 -14.00 -10.86
N LEU B 228 1.07 -14.25 -9.64
CA LEU B 228 1.22 -13.25 -8.58
C LEU B 228 2.67 -13.16 -8.15
N ARG B 229 3.13 -11.95 -7.90
CA ARG B 229 4.54 -11.75 -7.55
C ARG B 229 4.87 -12.44 -6.23
N ILE B 230 6.05 -13.06 -6.20
CA ILE B 230 6.59 -13.57 -4.94
C ILE B 230 7.42 -12.52 -4.21
N ALA B 231 7.85 -11.49 -4.91
CA ALA B 231 8.65 -10.41 -4.33
C ALA B 231 8.61 -9.24 -5.30
N THR B 232 9.08 -8.08 -4.83
CA THR B 232 9.16 -6.89 -5.65
C THR B 232 10.59 -6.60 -6.12
N GLU B 233 11.49 -7.56 -5.93
CA GLU B 233 12.92 -7.33 -6.18
C GLU B 233 13.19 -6.86 -7.61
N LEU B 234 12.67 -7.59 -8.59
CA LEU B 234 13.07 -7.34 -9.98
C LEU B 234 12.60 -5.98 -10.49
N PRO B 235 11.31 -5.63 -10.44
CA PRO B 235 10.92 -4.29 -10.97
C PRO B 235 11.58 -3.14 -10.24
N LEU B 236 11.81 -3.25 -8.93
CA LEU B 236 12.45 -2.16 -8.20
C LEU B 236 13.89 -1.96 -8.68
N LYS B 237 14.63 -3.04 -8.87
CA LYS B 237 16.00 -2.91 -9.38
C LYS B 237 16.02 -2.27 -10.75
N MET B 238 15.04 -2.61 -11.59
CA MET B 238 14.88 -1.96 -12.89
C MET B 238 14.66 -0.46 -12.73
N LEU B 239 13.97 -0.04 -11.66
CA LEU B 239 13.78 1.39 -11.42
C LEU B 239 15.07 2.05 -10.96
N ILE B 240 15.97 1.30 -10.32
CA ILE B 240 17.30 1.83 -10.02
C ILE B 240 18.04 2.13 -11.32
N VAL B 241 17.98 1.21 -12.29
CA VAL B 241 18.57 1.45 -13.60
C VAL B 241 17.97 2.72 -14.21
N GLY B 242 16.66 2.90 -14.06
CA GLY B 242 15.98 4.05 -14.59
C GLY B 242 16.27 5.36 -13.90
N GLY B 243 17.07 5.35 -12.82
CA GLY B 243 17.47 6.57 -12.17
C GLY B 243 16.74 6.90 -10.88
N ILE B 244 15.81 6.06 -10.43
CA ILE B 244 15.25 6.22 -9.09
C ILE B 244 16.22 5.57 -8.11
N ASP B 245 17.22 6.33 -7.67
CA ASP B 245 18.34 5.76 -6.93
C ASP B 245 17.95 5.30 -5.53
N LYS B 246 16.81 5.76 -5.01
CA LYS B 246 16.28 5.31 -3.73
C LYS B 246 14.79 5.03 -3.90
N VAL B 247 14.43 3.75 -3.96
CA VAL B 247 13.09 3.34 -4.32
C VAL B 247 12.64 2.23 -3.37
N TYR B 248 11.34 2.22 -3.06
CA TYR B 248 10.80 1.19 -2.18
C TYR B 248 9.32 0.98 -2.47
N GLU B 249 8.82 -0.15 -1.99
CA GLU B 249 7.41 -0.50 -2.13
C GLU B 249 6.97 -1.28 -0.90
N ILE B 250 5.78 -0.96 -0.39
CA ILE B 250 5.17 -1.68 0.71
C ILE B 250 3.86 -2.27 0.19
N GLY B 251 3.74 -3.59 0.25
CA GLY B 251 2.58 -4.23 -0.31
C GLY B 251 2.67 -5.74 -0.16
N LYS B 252 1.65 -6.40 -0.70
CA LYS B 252 1.48 -7.84 -0.54
C LYS B 252 2.32 -8.60 -1.55
N VAL B 253 2.87 -9.74 -1.11
CA VAL B 253 3.53 -10.70 -1.98
C VAL B 253 2.97 -12.07 -1.66
N PHE B 254 3.09 -12.98 -2.62
CA PHE B 254 2.36 -14.25 -2.58
C PHE B 254 3.30 -15.41 -2.82
N ARG B 255 3.30 -16.37 -1.90
CA ARG B 255 4.04 -17.62 -2.03
C ARG B 255 3.08 -18.75 -1.68
N ASN B 256 2.77 -19.60 -2.66
CA ASN B 256 1.70 -20.59 -2.54
C ASN B 256 2.23 -21.86 -1.87
N GLU B 257 2.51 -21.72 -0.57
CA GLU B 257 3.02 -22.83 0.23
C GLU B 257 2.18 -23.05 1.47
N GLY B 258 2.66 -23.89 2.39
CA GLY B 258 1.89 -24.23 3.57
C GLY B 258 1.88 -23.14 4.62
N ILE B 259 0.84 -23.16 5.44
CA ILE B 259 0.63 -22.18 6.50
C ILE B 259 1.25 -22.69 7.80
N ASP B 260 1.92 -21.79 8.52
CA ASP B 260 2.28 -22.03 9.91
C ASP B 260 2.28 -20.69 10.65
N ASN B 261 2.81 -20.69 11.88
CA ASN B 261 2.72 -19.51 12.73
C ASN B 261 3.51 -18.33 12.20
N THR B 262 4.51 -18.55 11.34
CA THR B 262 5.32 -17.48 10.80
C THR B 262 5.33 -17.42 9.28
N HIS B 263 4.55 -18.26 8.60
CA HIS B 263 4.41 -18.19 7.15
C HIS B 263 2.93 -18.10 6.79
N ASN B 264 2.58 -17.07 6.03
CA ASN B 264 1.29 -16.98 5.40
C ASN B 264 1.47 -16.86 3.89
N PRO B 265 0.64 -17.53 3.09
CA PRO B 265 0.80 -17.43 1.63
C PRO B 265 0.75 -16.00 1.12
N GLU B 266 -0.06 -15.16 1.76
CA GLU B 266 -0.17 -13.74 1.45
C GLU B 266 0.36 -12.96 2.63
N PHE B 267 1.43 -12.19 2.42
CA PHE B 267 2.04 -11.46 3.53
C PHE B 267 2.56 -10.12 3.05
N THR B 268 2.74 -9.21 4.00
CA THR B 268 3.12 -7.83 3.72
C THR B 268 4.64 -7.68 3.76
N SER B 269 5.22 -7.21 2.66
CA SER B 269 6.65 -7.04 2.55
C SER B 269 6.99 -5.59 2.26
N CYS B 270 8.14 -5.15 2.75
CA CYS B 270 8.76 -3.91 2.30
C CYS B 270 10.11 -4.24 1.71
N GLU B 271 10.35 -3.74 0.50
CA GLU B 271 11.63 -3.88 -0.16
C GLU B 271 12.10 -2.50 -0.58
N PHE B 272 13.35 -2.17 -0.28
CA PHE B 272 13.95 -0.95 -0.77
C PHE B 272 15.24 -1.28 -1.51
N TYR B 273 15.58 -0.43 -2.47
CA TYR B 273 16.85 -0.52 -3.18
C TYR B 273 17.51 0.85 -3.16
N TRP B 274 18.81 0.85 -2.90
CA TRP B 274 19.52 2.06 -2.51
C TRP B 274 20.83 2.11 -3.31
N ALA B 275 20.85 2.92 -4.36
CA ALA B 275 22.02 3.04 -5.21
C ALA B 275 23.22 3.52 -4.41
N TYR B 276 24.39 2.91 -4.68
CA TYR B 276 25.69 3.23 -4.11
C TYR B 276 25.79 2.85 -2.64
N ALA B 277 24.76 2.24 -2.06
CA ALA B 277 24.88 1.69 -0.71
C ALA B 277 25.80 0.49 -0.71
N ASP B 278 26.60 0.35 0.35
CA ASP B 278 27.47 -0.79 0.51
C ASP B 278 26.98 -1.64 1.69
N TYR B 279 27.77 -2.66 2.04
CA TYR B 279 27.35 -3.60 3.08
C TYR B 279 27.14 -2.88 4.42
N ASN B 280 28.06 -2.00 4.80
CA ASN B 280 27.93 -1.30 6.07
C ASN B 280 26.74 -0.33 6.06
N ASP B 281 26.38 0.20 4.89
CA ASP B 281 25.19 1.04 4.81
C ASP B 281 23.93 0.25 5.13
N LEU B 282 23.87 -1.00 4.66
CA LEU B 282 22.70 -1.84 4.90
C LEU B 282 22.62 -2.27 6.36
N ILE B 283 23.77 -2.61 6.95
CA ILE B 283 23.80 -2.95 8.37
C ILE B 283 23.36 -1.76 9.21
N LYS B 284 23.91 -0.57 8.89
CA LYS B 284 23.59 0.62 9.67
C LYS B 284 22.12 0.99 9.54
N TRP B 285 21.55 0.88 8.34
CA TRP B 285 20.13 1.16 8.17
C TRP B 285 19.30 0.24 9.04
N SER B 286 19.63 -1.06 9.06
CA SER B 286 18.87 -2.02 9.85
C SER B 286 18.92 -1.66 11.34
N GLU B 287 20.12 -1.37 11.85
CA GLU B 287 20.26 -1.06 13.27
C GLU B 287 19.58 0.26 13.60
N ASP B 288 19.66 1.26 12.71
CA ASP B 288 18.97 2.52 12.93
C ASP B 288 17.45 2.30 12.95
N PHE B 289 16.93 1.56 11.96
CA PHE B 289 15.49 1.43 11.83
C PHE B 289 14.88 0.66 13.00
N PHE B 290 15.44 -0.50 13.33
CA PHE B 290 14.85 -1.34 14.36
C PHE B 290 14.95 -0.70 15.74
N SER B 291 16.10 -0.09 16.04
CA SER B 291 16.26 0.56 17.34
C SER B 291 15.32 1.76 17.48
N GLN B 292 15.19 2.56 16.42
CA GLN B 292 14.33 3.74 16.50
C GLN B 292 12.86 3.35 16.47
N LEU B 293 12.50 2.33 15.68
CA LEU B 293 11.12 1.87 15.64
C LEU B 293 10.68 1.37 17.01
N VAL B 294 11.54 0.59 17.66
CA VAL B 294 11.23 0.09 19.00
C VAL B 294 11.11 1.25 19.98
N TYR B 295 12.06 2.20 19.92
CA TYR B 295 12.00 3.34 20.81
C TYR B 295 10.79 4.22 20.51
N HIS B 296 10.47 4.41 19.23
CA HIS B 296 9.30 5.21 18.87
C HIS B 296 8.02 4.61 19.43
N LEU B 297 7.99 3.29 19.65
CA LEU B 297 6.80 2.61 20.12
C LEU B 297 6.70 2.55 21.65
N PHE B 298 7.82 2.40 22.35
CA PHE B 298 7.80 2.07 23.77
C PHE B 298 8.57 3.02 24.67
N GLY B 299 9.31 3.98 24.12
CA GLY B 299 10.11 4.84 24.97
C GLY B 299 11.34 4.18 25.54
N THR B 300 11.74 3.04 24.97
CA THR B 300 12.92 2.31 25.42
C THR B 300 13.34 1.37 24.30
N TYR B 301 14.53 0.80 24.46
CA TYR B 301 15.06 -0.15 23.49
C TYR B 301 14.81 -1.60 23.87
N LYS B 302 14.39 -1.87 25.10
CA LYS B 302 14.19 -3.22 25.59
C LYS B 302 12.70 -3.52 25.67
N ILE B 303 12.29 -4.65 25.09
CA ILE B 303 10.91 -5.09 25.10
C ILE B 303 10.81 -6.44 25.78
N SER B 304 9.60 -6.77 26.20
CA SER B 304 9.27 -8.10 26.72
C SER B 304 8.51 -8.87 25.65
N TYR B 305 8.85 -10.15 25.51
CA TYR B 305 8.20 -10.98 24.50
C TYR B 305 8.11 -12.41 25.00
N ASN B 306 6.92 -13.00 24.90
CA ASN B 306 6.67 -14.37 25.36
C ASN B 306 7.06 -15.32 24.24
N LYS B 307 8.31 -15.77 24.26
CA LYS B 307 8.83 -16.61 23.19
C LYS B 307 8.09 -17.94 23.11
N ASP B 308 7.71 -18.49 24.25
CA ASP B 308 7.06 -19.80 24.32
C ASP B 308 5.63 -19.68 24.84
N GLY B 309 4.92 -18.66 24.37
CA GLY B 309 3.53 -18.48 24.74
C GLY B 309 3.37 -17.79 26.08
N PRO B 310 2.14 -17.38 26.39
CA PRO B 310 1.90 -16.70 27.68
C PRO B 310 2.02 -17.62 28.88
N GLU B 311 1.86 -18.93 28.70
CA GLU B 311 2.00 -19.86 29.83
C GLU B 311 3.43 -19.87 30.36
N ASN B 312 4.41 -19.91 29.48
CA ASN B 312 5.81 -19.99 29.88
C ASN B 312 6.36 -18.60 30.22
N GLN B 313 7.64 -18.57 30.59
CA GLN B 313 8.27 -17.33 31.01
C GLN B 313 8.58 -16.42 29.82
N PRO B 314 8.54 -15.11 30.02
CA PRO B 314 8.94 -14.18 28.96
C PRO B 314 10.41 -13.80 29.04
N ILE B 315 10.96 -13.46 27.87
CA ILE B 315 12.35 -13.01 27.77
C ILE B 315 12.37 -11.53 27.44
N GLU B 316 13.53 -10.92 27.62
CA GLU B 316 13.76 -9.52 27.27
C GLU B 316 14.60 -9.46 26.00
N ILE B 317 14.14 -8.69 25.03
CA ILE B 317 14.87 -8.48 23.78
C ILE B 317 15.37 -7.04 23.80
N ASP B 318 16.69 -6.88 23.71
CA ASP B 318 17.33 -5.56 23.77
C ASP B 318 17.64 -5.11 22.35
N PHE B 319 16.99 -4.01 21.92
CA PHE B 319 17.18 -3.47 20.59
C PHE B 319 18.19 -2.31 20.58
N THR B 320 19.05 -2.22 21.58
CA THR B 320 20.09 -1.21 21.59
C THR B 320 21.16 -1.59 20.58
N PRO B 321 21.49 -0.71 19.62
CA PRO B 321 22.52 -1.05 18.64
C PRO B 321 23.90 -0.90 19.24
N PRO B 322 24.93 -1.51 18.63
CA PRO B 322 24.92 -2.36 17.43
C PRO B 322 24.55 -3.81 17.76
N TYR B 323 24.23 -4.60 16.75
CA TYR B 323 23.89 -6.01 16.93
C TYR B 323 25.05 -6.89 16.52
N PRO B 324 25.11 -8.12 17.04
CA PRO B 324 26.19 -9.03 16.64
C PRO B 324 26.08 -9.42 15.18
N LYS B 325 27.23 -9.76 14.59
CA LYS B 325 27.31 -10.27 13.23
C LYS B 325 27.96 -11.64 13.26
N VAL B 326 27.32 -12.62 12.62
CA VAL B 326 27.77 -14.00 12.62
C VAL B 326 27.89 -14.47 11.19
N SER B 327 29.05 -15.02 10.83
CA SER B 327 29.28 -15.59 9.50
C SER B 327 28.78 -17.04 9.49
N ILE B 328 27.88 -17.34 8.55
CA ILE B 328 27.13 -18.60 8.61
C ILE B 328 28.06 -19.80 8.46
N VAL B 329 28.96 -19.77 7.48
CA VAL B 329 29.81 -20.93 7.23
C VAL B 329 30.80 -21.13 8.37
N GLU B 330 31.46 -20.05 8.79
CA GLU B 330 32.46 -20.17 9.84
C GLU B 330 31.82 -20.48 11.19
N GLU B 331 30.57 -20.04 11.40
CA GLU B 331 29.90 -20.37 12.65
C GLU B 331 29.40 -21.82 12.68
N ILE B 332 28.88 -22.31 11.55
CA ILE B 332 28.58 -23.74 11.46
C ILE B 332 29.83 -24.54 11.77
N GLU B 333 30.94 -24.18 11.11
CA GLU B 333 32.20 -24.91 11.28
C GLU B 333 32.63 -24.96 12.74
N LYS B 334 32.52 -23.84 13.45
CA LYS B 334 32.94 -23.80 14.85
C LYS B 334 32.00 -24.63 15.72
N VAL B 335 30.69 -24.46 15.55
CA VAL B 335 29.72 -25.14 16.42
C VAL B 335 29.72 -26.64 16.16
N THR B 336 29.81 -27.05 14.90
CA THR B 336 29.77 -28.46 14.55
C THR B 336 31.14 -29.12 14.53
N ASN B 337 32.21 -28.34 14.67
CA ASN B 337 33.58 -28.87 14.70
C ASN B 337 33.91 -29.67 13.44
N THR B 338 33.56 -29.12 12.27
CA THR B 338 34.02 -29.63 11.00
C THR B 338 34.51 -28.47 10.15
N ILE B 339 34.90 -28.78 8.92
CA ILE B 339 35.31 -27.77 7.94
C ILE B 339 34.55 -28.06 6.65
N LEU B 340 33.98 -27.02 6.07
CA LEU B 340 33.20 -27.13 4.84
C LEU B 340 34.03 -26.58 3.69
N GLU B 341 34.72 -27.47 2.97
CA GLU B 341 35.60 -27.06 1.89
C GLU B 341 34.80 -26.70 0.64
N GLN B 342 35.34 -25.74 -0.12
CA GLN B 342 34.71 -25.26 -1.34
C GLN B 342 35.17 -26.06 -2.55
N PRO B 343 34.32 -26.21 -3.58
CA PRO B 343 32.96 -25.66 -3.68
C PRO B 343 32.01 -26.36 -2.71
N PHE B 344 31.05 -25.62 -2.16
CA PHE B 344 30.11 -26.21 -1.20
C PHE B 344 29.19 -27.24 -1.85
N ASP B 345 29.11 -27.27 -3.18
CA ASP B 345 28.27 -28.23 -3.91
C ASP B 345 29.07 -29.43 -4.41
N SER B 346 30.29 -29.62 -3.93
CA SER B 346 31.07 -30.81 -4.27
C SER B 346 30.58 -32.02 -3.50
N ASN B 347 30.64 -33.19 -4.15
CA ASN B 347 30.06 -34.41 -3.59
C ASN B 347 30.57 -34.68 -2.18
N GLU B 348 31.77 -34.19 -1.85
CA GLU B 348 32.36 -34.41 -0.54
C GLU B 348 31.71 -33.54 0.53
N THR B 349 31.65 -32.23 0.30
CA THR B 349 31.09 -31.33 1.32
C THR B 349 29.60 -31.57 1.51
N ILE B 350 28.86 -31.79 0.42
CA ILE B 350 27.45 -32.15 0.54
C ILE B 350 27.29 -33.38 1.42
N GLU B 351 28.06 -34.44 1.15
CA GLU B 351 27.96 -35.65 1.97
C GLU B 351 28.37 -35.38 3.41
N LYS B 352 29.40 -34.56 3.62
CA LYS B 352 29.74 -34.18 4.99
C LYS B 352 28.54 -33.56 5.68
N MET B 353 27.95 -32.52 5.06
CA MET B 353 26.81 -31.84 5.67
C MET B 353 25.66 -32.81 5.92
N ILE B 354 25.44 -33.76 5.01
CA ILE B 354 24.42 -34.78 5.23
C ILE B 354 24.73 -35.57 6.50
N ASN B 355 26.03 -35.82 6.75
CA ASN B 355 26.41 -36.66 7.89
C ASN B 355 26.22 -35.94 9.23
N ILE B 356 26.51 -34.64 9.30
CA ILE B 356 26.17 -33.91 10.53
C ILE B 356 24.66 -33.94 10.76
N ILE B 357 23.88 -33.83 9.69
CA ILE B 357 22.43 -33.86 9.83
C ILE B 357 21.97 -35.21 10.37
N LYS B 358 22.52 -36.31 9.86
CA LYS B 358 22.18 -37.62 10.37
C LYS B 358 22.63 -37.80 11.82
N GLU B 359 23.84 -37.32 12.16
CA GLU B 359 24.36 -37.50 13.51
C GLU B 359 23.48 -36.84 14.56
N HIS B 360 22.86 -35.72 14.23
CA HIS B 360 21.96 -35.02 15.14
C HIS B 360 20.50 -35.40 14.93
N LYS B 361 20.23 -36.33 14.01
CA LYS B 361 18.88 -36.75 13.65
C LYS B 361 18.01 -35.58 13.20
N ILE B 362 18.64 -34.50 12.74
CA ILE B 362 17.89 -33.41 12.14
C ILE B 362 17.25 -33.90 10.84
N GLU B 363 16.11 -33.32 10.50
CA GLU B 363 15.40 -33.73 9.30
C GLU B 363 16.21 -33.39 8.05
N LEU B 364 16.35 -34.34 7.16
CA LEU B 364 17.02 -34.10 5.87
C LEU B 364 16.09 -33.28 4.98
N PRO B 365 16.50 -32.10 4.54
CA PRO B 365 15.67 -31.35 3.59
C PRO B 365 15.59 -32.11 2.28
N ASN B 366 14.38 -32.12 1.70
CA ASN B 366 14.15 -32.72 0.39
C ASN B 366 13.93 -31.60 -0.62
N PRO B 367 14.79 -31.44 -1.62
CA PRO B 367 15.99 -32.24 -1.92
C PRO B 367 17.21 -31.84 -1.09
N PRO B 368 18.18 -32.73 -0.94
CA PRO B 368 19.42 -32.38 -0.21
C PRO B 368 20.40 -31.59 -1.06
N THR B 369 19.99 -30.39 -1.48
CA THR B 369 20.88 -29.50 -2.19
C THR B 369 21.75 -28.72 -1.20
N ALA B 370 22.89 -28.24 -1.69
CA ALA B 370 23.87 -27.61 -0.81
C ALA B 370 23.27 -26.42 -0.07
N ALA B 371 22.51 -25.58 -0.78
CA ALA B 371 21.91 -24.42 -0.13
C ALA B 371 20.91 -24.82 0.95
N LYS B 372 20.10 -25.85 0.69
CA LYS B 372 19.13 -26.29 1.69
C LYS B 372 19.81 -26.92 2.89
N LEU B 373 20.87 -27.69 2.66
CA LEU B 373 21.61 -28.27 3.78
C LEU B 373 22.25 -27.18 4.64
N LEU B 374 22.81 -26.16 3.99
CA LEU B 374 23.41 -25.04 4.72
C LEU B 374 22.35 -24.27 5.51
N ASP B 375 21.16 -24.10 4.91
CA ASP B 375 20.06 -23.47 5.62
C ASP B 375 19.64 -24.30 6.83
N GLN B 376 19.62 -25.63 6.67
CA GLN B 376 19.27 -26.51 7.77
C GLN B 376 20.29 -26.41 8.90
N LEU B 377 21.58 -26.40 8.57
CA LEU B 377 22.61 -26.30 9.59
C LEU B 377 22.54 -24.97 10.32
N ALA B 378 22.28 -23.89 9.58
CA ALA B 378 22.13 -22.59 10.21
C ALA B 378 20.94 -22.56 11.16
N SER B 379 19.82 -23.19 10.75
CA SER B 379 18.61 -23.17 11.57
C SER B 379 18.83 -23.83 12.91
N HIS B 380 19.54 -24.95 12.94
CA HIS B 380 19.67 -25.72 14.18
C HIS B 380 20.89 -25.34 15.01
N PHE B 381 21.88 -24.66 14.43
CA PHE B 381 23.11 -24.34 15.14
C PHE B 381 23.41 -22.86 15.29
N ILE B 382 22.84 -22.00 14.44
CA ILE B 382 23.16 -20.57 14.44
C ILE B 382 21.95 -19.73 14.81
N GLU B 383 20.78 -20.02 14.22
CA GLU B 383 19.69 -19.06 14.21
C GLU B 383 19.15 -18.75 15.60
N ASN B 384 19.48 -19.56 16.60
CA ASN B 384 19.15 -19.26 17.99
C ASN B 384 20.39 -18.99 18.84
N LYS B 385 21.43 -18.41 18.22
CA LYS B 385 22.60 -18.03 18.99
C LYS B 385 22.27 -16.97 20.03
N TYR B 386 21.45 -15.99 19.65
CA TYR B 386 20.97 -14.97 20.57
C TYR B 386 19.45 -14.93 20.53
N ASN B 387 18.83 -15.09 21.70
CA ASN B 387 17.51 -14.55 21.98
C ASN B 387 17.60 -13.30 22.83
N ASP B 388 18.82 -12.94 23.27
CA ASP B 388 19.03 -11.73 24.04
C ASP B 388 18.65 -10.50 23.23
N LYS B 389 18.96 -10.50 21.95
CA LYS B 389 18.87 -9.30 21.12
C LYS B 389 18.72 -9.75 19.67
N PRO B 390 18.37 -8.83 18.76
CA PRO B 390 18.49 -9.14 17.34
C PRO B 390 19.95 -9.26 16.93
N PHE B 391 20.19 -10.07 15.90
CA PHE B 391 21.54 -10.26 15.41
C PHE B 391 21.48 -10.65 13.94
N PHE B 392 22.63 -10.54 13.27
CA PHE B 392 22.74 -10.77 11.84
C PHE B 392 23.50 -12.05 11.57
N ILE B 393 22.95 -12.88 10.70
CA ILE B 393 23.72 -13.94 10.03
C ILE B 393 24.19 -13.35 8.71
N VAL B 394 25.51 -13.33 8.49
CA VAL B 394 26.08 -12.58 7.39
C VAL B 394 26.97 -13.46 6.52
N GLU B 395 27.19 -12.99 5.29
CA GLU B 395 28.21 -13.50 4.39
C GLU B 395 27.92 -14.94 3.95
N HIS B 396 26.67 -15.18 3.55
CA HIS B 396 26.26 -16.49 3.06
C HIS B 396 26.98 -16.80 1.75
N PRO B 397 27.22 -18.09 1.48
CA PRO B 397 27.87 -18.47 0.22
C PRO B 397 27.11 -17.97 -1.00
N GLN B 398 27.86 -17.84 -2.10
CA GLN B 398 27.27 -17.40 -3.36
C GLN B 398 26.18 -18.36 -3.85
N ILE B 399 26.31 -19.66 -3.52
CA ILE B 399 25.33 -20.64 -3.97
C ILE B 399 24.00 -20.55 -3.23
N MET B 400 23.95 -19.85 -2.10
CA MET B 400 22.70 -19.57 -1.42
C MET B 400 22.11 -18.23 -1.82
N SER B 401 22.83 -17.44 -2.61
CA SER B 401 22.42 -16.06 -2.92
C SER B 401 22.89 -15.71 -4.32
N PRO B 402 22.19 -16.22 -5.34
CA PRO B 402 22.67 -16.03 -6.73
C PRO B 402 22.64 -14.59 -7.21
N LEU B 403 21.98 -13.67 -6.50
CA LEU B 403 21.89 -12.29 -6.93
C LEU B 403 22.74 -11.34 -6.09
N ALA B 404 23.49 -11.85 -5.11
CA ALA B 404 24.30 -11.02 -4.23
C ALA B 404 25.72 -10.89 -4.77
N LYS B 405 26.29 -9.69 -4.60
CA LYS B 405 27.68 -9.46 -5.02
C LYS B 405 28.63 -10.34 -4.22
N TYR B 406 29.72 -10.73 -4.87
CA TYR B 406 30.71 -11.58 -4.23
C TYR B 406 31.38 -10.84 -3.07
N HIS B 407 31.84 -11.60 -2.08
CA HIS B 407 32.58 -10.99 -0.98
C HIS B 407 33.91 -10.45 -1.49
N ARG B 408 34.35 -9.33 -0.92
CA ARG B 408 35.56 -8.67 -1.40
C ARG B 408 36.80 -9.49 -1.11
N THR B 409 36.85 -10.17 0.05
CA THR B 409 38.05 -10.88 0.48
C THR B 409 37.85 -12.36 0.78
N LYS B 410 36.62 -12.82 0.99
CA LYS B 410 36.37 -14.20 1.40
C LYS B 410 35.83 -15.01 0.23
N PRO B 411 36.57 -16.01 -0.25
CA PRO B 411 36.14 -16.75 -1.44
C PRO B 411 34.82 -17.48 -1.23
N GLY B 412 34.00 -17.48 -2.28
CA GLY B 412 32.75 -18.21 -2.28
C GLY B 412 31.64 -17.63 -1.44
N LEU B 413 31.80 -16.42 -0.92
CA LEU B 413 30.82 -15.81 -0.04
C LEU B 413 30.31 -14.51 -0.68
N THR B 414 29.38 -13.87 0.03
CA THR B 414 28.75 -12.62 -0.40
C THR B 414 28.74 -11.64 0.77
N GLU B 415 28.32 -10.41 0.49
CA GLU B 415 28.06 -9.44 1.55
C GLU B 415 26.59 -9.43 1.96
N ARG B 416 26.06 -10.62 2.26
CA ARG B 416 24.66 -10.77 2.61
C ARG B 416 24.47 -10.62 4.11
N LEU B 417 23.32 -10.07 4.51
CA LEU B 417 22.97 -9.95 5.91
C LEU B 417 21.53 -10.40 6.12
N GLU B 418 21.30 -11.12 7.23
CA GLU B 418 19.98 -11.61 7.58
C GLU B 418 19.80 -11.39 9.08
N MET B 419 18.77 -10.63 9.46
CA MET B 419 18.57 -10.30 10.86
C MET B 419 17.50 -11.19 11.48
N PHE B 420 17.71 -11.56 12.74
CA PHE B 420 16.88 -12.55 13.42
C PHE B 420 16.40 -12.00 14.75
N ILE B 421 15.14 -12.32 15.07
CA ILE B 421 14.56 -12.09 16.39
C ILE B 421 13.99 -13.41 16.87
N CYS B 422 14.52 -13.93 17.98
CA CYS B 422 14.05 -15.19 18.57
C CYS B 422 14.03 -16.32 17.54
N GLY B 423 15.09 -16.40 16.75
CA GLY B 423 15.19 -17.47 15.77
C GLY B 423 14.31 -17.34 14.55
N LYS B 424 13.66 -16.19 14.36
CA LYS B 424 12.82 -15.96 13.20
C LYS B 424 13.43 -14.86 12.35
N GLU B 425 13.60 -15.15 11.06
CA GLU B 425 14.12 -14.15 10.13
C GLU B 425 13.08 -13.07 9.88
N VAL B 426 13.51 -11.81 9.97
CA VAL B 426 12.64 -10.67 9.69
C VAL B 426 13.22 -9.74 8.64
N LEU B 427 14.49 -9.87 8.30
CA LEU B 427 15.16 -8.94 7.40
C LEU B 427 16.16 -9.72 6.55
N ASN B 428 16.26 -9.34 5.28
CA ASN B 428 17.19 -9.97 4.36
C ASN B 428 17.69 -8.91 3.39
N ALA B 429 19.01 -8.76 3.28
CA ALA B 429 19.59 -7.71 2.47
C ALA B 429 20.94 -8.18 1.93
N TYR B 430 21.40 -7.50 0.88
CA TYR B 430 22.73 -7.71 0.32
C TYR B 430 22.98 -6.68 -0.77
N THR B 431 24.27 -6.51 -1.09
CA THR B 431 24.66 -5.74 -2.25
C THR B 431 24.40 -6.53 -3.52
N GLU B 432 23.99 -5.83 -4.57
CA GLU B 432 23.54 -6.47 -5.80
C GLU B 432 24.72 -6.85 -6.69
N LEU B 433 24.65 -8.05 -7.27
CA LEU B 433 25.57 -8.46 -8.32
C LEU B 433 25.14 -7.75 -9.59
N ASN B 434 25.85 -6.67 -9.95
CA ASN B 434 25.45 -5.84 -11.08
C ASN B 434 26.26 -6.09 -12.35
N ASP B 435 27.20 -7.03 -12.32
CA ASP B 435 27.99 -7.36 -13.51
C ASP B 435 27.25 -8.45 -14.28
N PRO B 436 26.72 -8.18 -15.47
CA PRO B 436 25.93 -9.19 -16.19
C PRO B 436 26.72 -10.44 -16.53
N PHE B 437 28.03 -10.32 -16.78
CA PHE B 437 28.83 -11.47 -17.17
C PHE B 437 29.23 -12.35 -15.98
N LYS B 438 28.92 -11.93 -14.76
CA LYS B 438 29.05 -12.78 -13.59
C LYS B 438 27.71 -13.37 -13.15
N GLN B 439 26.61 -12.95 -13.75
CA GLN B 439 25.29 -13.48 -13.46
C GLN B 439 25.09 -14.76 -14.26
N LYS B 440 25.11 -15.91 -13.57
CA LYS B 440 24.97 -17.19 -14.26
C LYS B 440 23.60 -17.32 -14.90
N GLU B 441 22.58 -16.66 -14.34
CA GLU B 441 21.26 -16.68 -14.96
C GLU B 441 21.26 -16.04 -16.33
N CYS B 442 22.18 -15.08 -16.57
CA CYS B 442 22.18 -14.33 -17.82
C CYS B 442 22.70 -15.18 -18.98
N PHE B 443 23.94 -15.65 -18.87
CA PHE B 443 24.59 -16.40 -19.94
C PHE B 443 23.80 -17.64 -20.35
N ASP B 461 15.60 -14.26 -15.50
CA ASP B 461 14.78 -13.37 -16.30
C ASP B 461 15.60 -12.70 -17.40
N SER B 462 15.10 -12.77 -18.63
CA SER B 462 15.75 -12.06 -19.72
C SER B 462 15.48 -10.56 -19.64
N ALA B 463 14.36 -10.17 -19.04
CA ALA B 463 14.09 -8.75 -18.82
C ALA B 463 15.09 -8.14 -17.84
N PHE B 464 15.53 -8.93 -16.85
CA PHE B 464 16.45 -8.42 -15.84
C PHE B 464 17.87 -8.35 -16.35
N CYS B 465 18.32 -9.39 -17.05
CA CYS B 465 19.67 -9.38 -17.61
C CYS B 465 19.83 -8.26 -18.63
N THR B 466 18.77 -7.99 -19.40
CA THR B 466 18.80 -6.86 -20.33
C THR B 466 18.95 -5.54 -19.57
N SER B 467 18.21 -5.39 -18.47
CA SER B 467 18.34 -4.17 -17.67
C SER B 467 19.74 -4.02 -17.10
N LEU B 468 20.37 -5.14 -16.70
CA LEU B 468 21.74 -5.09 -16.22
C LEU B 468 22.69 -4.56 -17.29
N GLU B 469 22.39 -4.81 -18.56
CA GLU B 469 23.28 -4.39 -19.64
C GLU B 469 23.22 -2.89 -19.90
N TYR B 470 22.19 -2.21 -19.40
CA TYR B 470 22.11 -0.76 -19.48
C TYR B 470 22.77 -0.07 -18.29
N GLY B 471 23.26 -0.84 -17.32
CA GLY B 471 24.04 -0.30 -16.23
C GLY B 471 23.25 -0.16 -14.94
N LEU B 472 23.41 -1.12 -14.05
CA LEU B 472 22.93 -0.98 -12.69
C LEU B 472 24.10 -0.56 -11.81
N PRO B 473 24.02 0.57 -11.12
CA PRO B 473 25.14 0.99 -10.27
C PRO B 473 25.33 0.00 -9.14
N PRO B 474 26.43 0.07 -8.41
CA PRO B 474 26.51 -0.69 -7.16
C PRO B 474 25.36 -0.28 -6.24
N THR B 475 24.58 -1.26 -5.81
CA THR B 475 23.35 -0.98 -5.08
C THR B 475 23.17 -1.99 -3.96
N GLY B 476 22.55 -1.53 -2.88
CA GLY B 476 22.13 -2.39 -1.79
C GLY B 476 20.62 -2.52 -1.79
N GLY B 477 20.14 -3.74 -1.60
CA GLY B 477 18.72 -4.00 -1.55
C GLY B 477 18.36 -4.74 -0.29
N LEU B 478 17.19 -4.41 0.26
CA LEU B 478 16.77 -4.93 1.55
C LEU B 478 15.28 -5.26 1.51
N GLY B 479 14.91 -6.33 2.19
CA GLY B 479 13.51 -6.71 2.30
C GLY B 479 13.14 -6.95 3.75
N LEU B 480 11.91 -6.54 4.09
CA LEU B 480 11.42 -6.60 5.47
C LEU B 480 10.14 -7.42 5.54
N GLY B 481 10.05 -8.28 6.54
CA GLY B 481 8.82 -9.00 6.82
C GLY B 481 7.98 -8.27 7.85
N ILE B 482 6.98 -7.51 7.38
CA ILE B 482 6.21 -6.65 8.29
C ILE B 482 5.40 -7.48 9.27
N ASP B 483 4.84 -8.61 8.82
CA ASP B 483 4.01 -9.41 9.70
C ASP B 483 4.81 -9.97 10.87
N ARG B 484 6.01 -10.50 10.59
CA ARG B 484 6.84 -11.05 11.65
C ARG B 484 7.30 -9.96 12.61
N ILE B 485 7.63 -8.78 12.09
CA ILE B 485 8.05 -7.67 12.96
C ILE B 485 6.91 -7.27 13.88
N THR B 486 5.71 -7.14 13.34
CA THR B 486 4.55 -6.75 14.16
C THR B 486 4.27 -7.78 15.24
N MET B 487 4.44 -9.07 14.92
CA MET B 487 4.28 -10.12 15.92
C MET B 487 5.15 -9.88 17.14
N PHE B 488 6.44 -9.63 16.91
CA PHE B 488 7.37 -9.47 18.02
C PHE B 488 7.10 -8.19 18.80
N LEU B 489 6.66 -7.13 18.13
CA LEU B 489 6.40 -5.86 18.79
C LEU B 489 5.01 -5.77 19.39
N THR B 490 4.13 -6.74 19.13
CA THR B 490 2.85 -6.85 19.82
C THR B 490 2.76 -8.11 20.67
N ASN B 491 3.88 -8.78 20.92
CA ASN B 491 3.93 -9.98 21.77
C ASN B 491 2.99 -11.07 21.27
N LYS B 492 3.09 -11.37 19.98
CA LYS B 492 2.26 -12.39 19.35
C LYS B 492 3.11 -13.56 18.89
N ASN B 493 2.55 -14.76 18.97
CA ASN B 493 3.24 -15.98 18.60
C ASN B 493 2.78 -16.55 17.26
N SER B 494 1.72 -16.01 16.68
CA SER B 494 1.21 -16.47 15.40
C SER B 494 1.00 -15.28 14.47
N ILE B 495 1.26 -15.50 13.18
CA ILE B 495 1.01 -14.47 12.18
C ILE B 495 -0.48 -14.20 12.04
N LYS B 496 -1.33 -15.16 12.44
CA LYS B 496 -2.77 -14.95 12.42
C LYS B 496 -3.20 -13.79 13.31
N ASP B 497 -2.45 -13.54 14.39
CA ASP B 497 -2.83 -12.53 15.37
C ASP B 497 -2.51 -11.11 14.93
N VAL B 498 -1.73 -10.94 13.86
CA VAL B 498 -1.42 -9.60 13.34
C VAL B 498 -2.04 -9.35 11.98
N ILE B 499 -2.77 -10.31 11.43
CA ILE B 499 -3.52 -10.14 10.19
C ILE B 499 -5.00 -10.03 10.55
N LEU B 500 -5.65 -8.98 10.06
CA LEU B 500 -7.03 -8.69 10.45
C LEU B 500 -7.98 -9.82 10.04
N PHE B 501 -7.87 -10.27 8.79
CA PHE B 501 -8.69 -11.35 8.25
C PHE B 501 -7.76 -12.42 7.73
N PRO B 502 -7.20 -13.26 8.60
CA PRO B 502 -6.39 -14.38 8.13
C PRO B 502 -7.22 -15.32 7.27
N THR B 503 -6.58 -15.85 6.23
CA THR B 503 -7.27 -16.77 5.33
C THR B 503 -7.48 -18.11 6.03
N MET B 504 -8.73 -18.48 6.22
CA MET B 504 -9.11 -19.64 7.00
C MET B 504 -9.71 -20.72 6.11
N ARG B 505 -9.62 -21.95 6.57
CA ARG B 505 -10.34 -23.05 5.94
C ARG B 505 -11.83 -22.88 6.23
N PRO B 506 -12.69 -22.84 5.22
CA PRO B 506 -14.12 -22.65 5.47
C PRO B 506 -14.78 -23.91 6.01
N ALA B 507 -16.10 -23.88 6.14
CA ALA B 507 -16.85 -25.05 6.56
C ALA B 507 -16.85 -26.11 5.45
#